data_8R2V
#
_entry.id   8R2V
#
_cell.length_a   48.433
_cell.length_b   148.662
_cell.length_c   157.746
_cell.angle_alpha   90.000
_cell.angle_beta   90.000
_cell.angle_gamma   90.000
#
_symmetry.space_group_name_H-M   'P 21 21 21'
#
loop_
_entity.id
_entity.type
_entity.pdbx_description
1 polymer 'Intradiol ring-cleavage dioxygenases domain-containing protein'
2 non-polymer 'SULFATE ION'
3 non-polymer PHOSPHATIDYLETHANOLAMINE
4 non-polymer 'FE (III) ION'
5 water water
#
_entity_poly.entity_id   1
_entity_poly.type   'polypeptide(L)'
_entity_poly.pdbx_seq_one_letter_code
;MAEEVDKAVPNGIPPPQLDLPYPDSPETITDNLLKLTELTPNPRHRFLAKTLITHLHDFVKETSLTTDEWMTSIQFLTRV
GQICTPVRQEFILLSDTLGVSALVDAINNPPVNGATESSVLGPFFTDDAPDVANGESIASEGKGDYMYVEGQVLSTDGTP
VPDAVIETWETDAKGFYDNQYKNRDHPECRGRLRSDKDGKFAYRAVVPVAYPIPGDGPVGEMLLQLNRHNMRPNHLHLMI
SAPGYNTLVTAFYPEGDEYLSSDAVFGVKKSLVVGLEEVKDDSEARKRGFAEGGSFKLLKRDLVLVPEADSRKAREAFAQ
ERAKNAPVAAAENLYFQGHHHHHHHHHH
;
_entity_poly.pdbx_strand_id   A,B
#
loop_
_chem_comp.id
_chem_comp.type
_chem_comp.name
_chem_comp.formula
FE non-polymer 'FE (III) ION' 'Fe 3'
PTY non-polymer PHOSPHATIDYLETHANOLAMINE 'C40 H80 N O8 P'
SO4 non-polymer 'SULFATE ION' 'O4 S -2'
#
# COMPACT_ATOMS: atom_id res chain seq x y z
N GLU A 4 -24.26 13.24 -3.55
CA GLU A 4 -23.53 14.01 -4.59
C GLU A 4 -22.07 13.58 -4.61
N VAL A 5 -21.48 13.57 -5.81
CA VAL A 5 -20.07 13.26 -6.03
C VAL A 5 -19.48 14.38 -6.89
N ASP A 6 -18.18 14.61 -6.74
CA ASP A 6 -17.49 15.66 -7.48
C ASP A 6 -17.48 15.30 -8.96
N LYS A 7 -17.69 16.33 -9.81
CA LYS A 7 -17.24 16.30 -11.18
C LYS A 7 -15.70 16.29 -11.17
N ALA A 8 -15.10 15.31 -11.84
CA ALA A 8 -13.66 15.31 -12.05
C ALA A 8 -13.30 16.18 -13.26
N VAL A 9 -12.00 16.45 -13.43
CA VAL A 9 -11.50 17.34 -14.47
C VAL A 9 -10.39 16.63 -15.25
N PRO A 10 -10.36 16.70 -16.60
CA PRO A 10 -9.26 16.09 -17.36
C PRO A 10 -7.92 16.75 -17.00
N ASN A 11 -6.85 15.96 -16.90
CA ASN A 11 -5.58 16.51 -16.49
C ASN A 11 -4.80 17.10 -17.69
N GLY A 12 -5.32 16.94 -18.90
CA GLY A 12 -4.73 17.58 -20.06
C GLY A 12 -3.71 16.72 -20.79
N ILE A 13 -3.24 15.61 -20.20
CA ILE A 13 -2.33 14.73 -20.90
C ILE A 13 -3.08 14.14 -22.10
N PRO A 14 -2.45 14.08 -23.30
CA PRO A 14 -3.13 13.57 -24.48
C PRO A 14 -3.16 12.05 -24.50
N PRO A 15 -4.01 11.44 -25.36
CA PRO A 15 -3.95 10.02 -25.61
C PRO A 15 -2.56 9.66 -26.11
N PRO A 16 -1.90 8.61 -25.60
CA PRO A 16 -0.52 8.34 -25.95
C PRO A 16 -0.43 7.83 -27.39
N GLN A 17 0.61 8.27 -28.07
CA GLN A 17 0.92 7.72 -29.38
CA GLN A 17 1.07 7.83 -29.36
C GLN A 17 1.90 6.56 -29.17
N LEU A 18 1.29 5.42 -28.78
CA LEU A 18 1.96 4.15 -28.54
C LEU A 18 1.05 3.05 -29.09
N ASP A 19 1.63 1.90 -29.41
CA ASP A 19 0.83 0.75 -29.84
C ASP A 19 0.34 -0.02 -28.62
N LEU A 20 -0.95 0.14 -28.29
CA LEU A 20 -1.49 -0.48 -27.09
C LEU A 20 -2.69 -1.31 -27.51
N PRO A 21 -2.47 -2.55 -27.99
CA PRO A 21 -3.56 -3.38 -28.47
C PRO A 21 -4.58 -3.58 -27.35
N TYR A 22 -5.85 -3.65 -27.71
CA TYR A 22 -6.92 -3.89 -26.76
C TYR A 22 -6.66 -5.24 -26.10
N PRO A 23 -6.53 -5.34 -24.76
CA PRO A 23 -6.25 -6.62 -24.14
C PRO A 23 -7.18 -7.75 -24.54
N ASP A 24 -6.55 -8.83 -25.01
CA ASP A 24 -7.26 -10.04 -25.38
C ASP A 24 -6.79 -11.17 -24.48
N SER A 25 -5.92 -10.86 -23.53
CA SER A 25 -5.56 -11.77 -22.47
C SER A 25 -5.01 -10.95 -21.32
N PRO A 26 -4.95 -11.48 -20.09
CA PRO A 26 -4.52 -10.68 -18.94
C PRO A 26 -3.10 -10.15 -19.06
N GLU A 27 -2.24 -10.89 -19.75
CA GLU A 27 -0.85 -10.48 -19.93
C GLU A 27 -0.74 -9.11 -20.64
N THR A 28 -1.62 -8.87 -21.61
CA THR A 28 -1.56 -7.62 -22.36
C THR A 28 -1.83 -6.40 -21.49
N ILE A 29 -2.56 -6.58 -20.38
CA ILE A 29 -2.78 -5.48 -19.45
C ILE A 29 -1.42 -5.00 -18.98
N THR A 30 -0.65 -5.96 -18.48
CA THR A 30 0.66 -5.67 -17.96
C THR A 30 1.56 -5.05 -19.04
N ASP A 31 1.58 -5.68 -20.22
CA ASP A 31 2.46 -5.21 -21.31
C ASP A 31 2.13 -3.77 -21.67
N ASN A 32 0.83 -3.47 -21.78
CA ASN A 32 0.41 -2.13 -22.13
C ASN A 32 0.80 -1.13 -21.02
N LEU A 33 0.63 -1.53 -19.76
CA LEU A 33 0.95 -0.63 -18.66
C LEU A 33 2.45 -0.34 -18.64
N LEU A 34 3.26 -1.36 -18.90
CA LEU A 34 4.69 -1.17 -18.93
C LEU A 34 5.10 -0.29 -20.12
N LYS A 35 4.46 -0.46 -21.27
CA LYS A 35 4.71 0.46 -22.39
C LYS A 35 4.40 1.90 -22.00
N LEU A 36 3.22 2.14 -21.40
CA LEU A 36 2.85 3.47 -20.97
C LEU A 36 3.87 4.06 -20.02
N THR A 37 4.41 3.21 -19.12
CA THR A 37 5.30 3.66 -18.06
C THR A 37 6.55 4.31 -18.65
N GLU A 38 6.95 3.93 -19.87
CA GLU A 38 8.10 4.52 -20.55
C GLU A 38 7.97 6.02 -20.81
N LEU A 39 6.74 6.56 -20.71
CA LEU A 39 6.50 7.98 -20.90
C LEU A 39 6.86 8.79 -19.67
N THR A 40 7.09 8.11 -18.53
CA THR A 40 7.45 8.78 -17.31
C THR A 40 8.74 9.54 -17.56
N PRO A 41 8.81 10.87 -17.40
CA PRO A 41 9.97 11.63 -17.87
C PRO A 41 11.20 11.65 -16.96
N ASN A 42 10.98 11.57 -15.66
CA ASN A 42 12.10 11.47 -14.71
C ASN A 42 12.56 10.03 -14.71
N PRO A 43 13.81 9.73 -15.15
CA PRO A 43 14.21 8.34 -15.38
C PRO A 43 14.29 7.53 -14.08
N ARG A 44 14.50 8.20 -12.95
CA ARG A 44 14.49 7.52 -11.65
C ARG A 44 13.05 7.07 -11.35
N HIS A 45 12.08 7.96 -11.57
CA HIS A 45 10.67 7.62 -11.39
C HIS A 45 10.27 6.48 -12.31
N ARG A 46 10.79 6.52 -13.53
CA ARG A 46 10.42 5.54 -14.55
C ARG A 46 10.87 4.16 -14.09
N PHE A 47 12.12 4.11 -13.65
CA PHE A 47 12.72 2.89 -13.13
C PHE A 47 11.94 2.36 -11.92
N LEU A 48 11.63 3.21 -10.97
CA LEU A 48 10.86 2.80 -9.80
C LEU A 48 9.49 2.27 -10.22
N ALA A 49 8.80 3.01 -11.11
CA ALA A 49 7.47 2.64 -11.55
C ALA A 49 7.49 1.28 -12.24
N LYS A 50 8.41 1.14 -13.17
CA LYS A 50 8.52 -0.09 -13.93
C LYS A 50 8.77 -1.31 -13.03
N THR A 51 9.73 -1.16 -12.12
CA THR A 51 10.11 -2.26 -11.24
C THR A 51 8.93 -2.60 -10.31
N LEU A 52 8.25 -1.56 -9.81
CA LEU A 52 7.11 -1.75 -8.93
C LEU A 52 6.00 -2.52 -9.64
N ILE A 53 5.67 -2.08 -10.84
CA ILE A 53 4.55 -2.65 -11.57
C ILE A 53 4.79 -4.13 -11.86
N THR A 54 6.03 -4.44 -12.25
CA THR A 54 6.38 -5.81 -12.58
C THR A 54 6.18 -6.71 -11.35
N HIS A 55 6.65 -6.26 -10.18
CA HIS A 55 6.54 -7.03 -8.94
C HIS A 55 5.06 -7.22 -8.55
N LEU A 56 4.31 -6.13 -8.67
CA LEU A 56 2.90 -6.08 -8.29
C LEU A 56 2.11 -7.07 -9.15
N HIS A 57 2.33 -7.03 -10.46
CA HIS A 57 1.60 -7.87 -11.40
C HIS A 57 2.04 -9.32 -11.26
N ASP A 58 3.35 -9.55 -11.07
CA ASP A 58 3.84 -10.90 -10.85
C ASP A 58 3.24 -11.47 -9.56
N PHE A 59 3.20 -10.66 -8.50
CA PHE A 59 2.59 -11.11 -7.26
C PHE A 59 1.18 -11.62 -7.54
N VAL A 60 0.37 -10.83 -8.25
CA VAL A 60 -1.02 -11.17 -8.50
C VAL A 60 -1.13 -12.47 -9.30
N LYS A 61 -0.30 -12.59 -10.34
CA LYS A 61 -0.30 -13.77 -11.18
C LYS A 61 0.15 -14.99 -10.38
N GLU A 62 1.27 -14.90 -9.65
CA GLU A 62 1.78 -16.07 -8.93
C GLU A 62 0.78 -16.62 -7.90
N THR A 63 0.03 -15.71 -7.28
CA THR A 63 -0.86 -16.08 -6.19
C THR A 63 -2.28 -16.33 -6.67
N SER A 64 -2.61 -15.89 -7.89
CA SER A 64 -4.00 -15.92 -8.33
C SER A 64 -4.87 -15.26 -7.27
N LEU A 65 -4.47 -14.08 -6.84
CA LEU A 65 -5.19 -13.35 -5.81
C LEU A 65 -6.69 -13.33 -6.10
N THR A 66 -7.52 -13.63 -5.11
CA THR A 66 -8.95 -13.62 -5.37
C THR A 66 -9.51 -12.21 -5.19
N THR A 67 -10.75 -12.06 -5.64
CA THR A 67 -11.48 -10.83 -5.52
C THR A 67 -11.58 -10.47 -4.04
N ASP A 68 -11.94 -11.46 -3.20
CA ASP A 68 -12.15 -11.18 -1.79
C ASP A 68 -10.83 -10.79 -1.14
N GLU A 69 -9.75 -11.46 -1.52
CA GLU A 69 -8.44 -11.16 -0.95
C GLU A 69 -7.98 -9.76 -1.37
N TRP A 70 -8.24 -9.40 -2.63
CA TRP A 70 -7.90 -8.09 -3.14
C TRP A 70 -8.70 -7.03 -2.38
N MET A 71 -9.99 -7.26 -2.19
CA MET A 71 -10.81 -6.30 -1.50
C MET A 71 -10.42 -6.18 -0.02
N THR A 72 -10.08 -7.31 0.62
CA THR A 72 -9.58 -7.27 1.98
C THR A 72 -8.32 -6.41 2.09
N SER A 73 -7.38 -6.57 1.15
CA SER A 73 -6.17 -5.78 1.07
C SER A 73 -6.46 -4.29 0.96
N ILE A 74 -7.42 -3.96 0.10
CA ILE A 74 -7.81 -2.59 -0.13
C ILE A 74 -8.28 -1.98 1.19
N GLN A 75 -9.21 -2.70 1.85
CA GLN A 75 -9.82 -2.23 3.07
C GLN A 75 -8.77 -2.11 4.18
N PHE A 76 -7.81 -3.07 4.21
CA PHE A 76 -6.75 -3.06 5.21
C PHE A 76 -5.88 -1.81 5.04
N LEU A 77 -5.43 -1.57 3.80
CA LEU A 77 -4.56 -0.43 3.49
C LEU A 77 -5.28 0.87 3.78
N THR A 78 -6.56 0.92 3.49
CA THR A 78 -7.39 2.09 3.79
C THR A 78 -7.39 2.37 5.29
N ARG A 79 -7.66 1.35 6.09
CA ARG A 79 -7.73 1.49 7.54
C ARG A 79 -6.36 1.88 8.11
N VAL A 80 -5.29 1.34 7.56
CA VAL A 80 -3.96 1.72 8.00
C VAL A 80 -3.77 3.24 7.82
N GLY A 81 -4.10 3.76 6.63
CA GLY A 81 -3.98 5.18 6.37
C GLY A 81 -4.86 6.00 7.31
N GLN A 82 -6.08 5.52 7.53
CA GLN A 82 -7.08 6.29 8.27
C GLN A 82 -6.78 6.37 9.75
N ILE A 83 -5.98 5.47 10.30
CA ILE A 83 -5.66 5.52 11.71
C ILE A 83 -4.44 6.41 11.92
N CYS A 84 -3.76 6.83 10.85
CA CYS A 84 -2.58 7.64 11.02
C CYS A 84 -2.98 9.06 11.44
N THR A 85 -2.19 9.64 12.33
CA THR A 85 -2.41 10.97 12.84
C THR A 85 -1.03 11.57 13.09
N PRO A 86 -0.92 12.86 13.47
CA PRO A 86 0.38 13.41 13.81
C PRO A 86 1.07 12.65 14.93
N VAL A 87 0.33 11.80 15.68
CA VAL A 87 0.93 11.05 16.77
C VAL A 87 0.92 9.54 16.51
N ARG A 88 0.52 9.08 15.33
CA ARG A 88 0.50 7.63 15.05
C ARG A 88 0.75 7.40 13.57
N GLN A 89 1.79 6.63 13.26
CA GLN A 89 2.11 6.31 11.88
C GLN A 89 2.03 4.80 11.65
N GLU A 90 0.82 4.33 11.31
CA GLU A 90 0.57 2.91 11.14
C GLU A 90 1.23 2.39 9.88
N PHE A 91 1.45 3.24 8.87
CA PHE A 91 2.14 2.80 7.65
C PHE A 91 3.61 2.54 7.94
N ILE A 92 4.25 3.40 8.75
CA ILE A 92 5.61 3.10 9.20
C ILE A 92 5.66 1.78 9.98
N LEU A 93 4.68 1.59 10.84
CA LEU A 93 4.63 0.36 11.63
C LEU A 93 4.44 -0.85 10.72
N LEU A 94 3.63 -0.70 9.65
CA LEU A 94 3.48 -1.79 8.69
C LEU A 94 4.78 -2.06 7.93
N SER A 95 5.44 -1.00 7.44
CA SER A 95 6.77 -1.11 6.84
C SER A 95 7.77 -1.77 7.80
N ASP A 96 7.74 -1.34 9.08
CA ASP A 96 8.65 -1.92 10.09
C ASP A 96 8.45 -3.43 10.25
N THR A 97 7.20 -3.85 10.48
CA THR A 97 6.91 -5.25 10.78
C THR A 97 7.11 -6.18 9.59
N LEU A 98 7.04 -5.61 8.37
CA LEU A 98 7.33 -6.37 7.16
C LEU A 98 8.79 -6.20 6.74
N GLY A 99 9.63 -5.67 7.62
CA GLY A 99 11.07 -5.72 7.40
C GLY A 99 11.56 -4.66 6.41
N VAL A 100 10.64 -3.88 5.85
CA VAL A 100 11.03 -2.95 4.79
C VAL A 100 11.82 -1.79 5.40
N SER A 101 11.34 -1.23 6.50
CA SER A 101 12.03 -0.12 7.13
C SER A 101 13.50 -0.45 7.39
N ALA A 102 13.74 -1.63 7.92
CA ALA A 102 15.09 -2.02 8.32
C ALA A 102 15.95 -2.23 7.08
N LEU A 103 15.38 -2.84 6.06
CA LEU A 103 16.13 -3.07 4.83
C LEU A 103 16.51 -1.73 4.16
N VAL A 104 15.56 -0.79 4.11
CA VAL A 104 15.84 0.51 3.51
C VAL A 104 16.90 1.23 4.36
N ASP A 105 16.79 1.09 5.67
CA ASP A 105 17.67 1.79 6.59
C ASP A 105 19.12 1.33 6.40
N ALA A 106 19.29 0.02 6.18
CA ALA A 106 20.62 -0.56 6.01
C ALA A 106 21.26 -0.03 4.74
N ILE A 107 20.50 -0.11 3.66
CA ILE A 107 20.91 0.28 2.31
C ILE A 107 21.33 1.74 2.28
N ASN A 108 20.59 2.59 3.00
CA ASN A 108 20.86 4.02 2.96
C ASN A 108 21.93 4.47 3.94
N ASN A 109 22.33 3.60 4.87
CA ASN A 109 23.37 3.92 5.84
C ASN A 109 24.39 2.78 5.92
N PRO A 110 25.08 2.48 4.80
CA PRO A 110 25.96 1.31 4.74
C PRO A 110 27.11 1.59 5.71
N PRO A 111 27.42 0.63 6.60
CA PRO A 111 28.40 0.87 7.67
C PRO A 111 29.86 0.68 7.20
N VAL A 112 30.31 1.49 6.26
CA VAL A 112 31.61 1.25 5.67
C VAL A 112 32.68 1.56 6.71
N ASN A 113 33.85 0.95 6.53
CA ASN A 113 35.05 1.29 7.29
C ASN A 113 34.82 1.21 8.78
N GLY A 114 34.14 0.12 9.18
CA GLY A 114 33.95 -0.16 10.60
C GLY A 114 33.08 0.87 11.32
N ALA A 115 32.15 1.49 10.58
CA ALA A 115 31.24 2.44 11.20
C ALA A 115 30.22 1.71 12.07
N THR A 116 29.63 2.47 13.00
CA THR A 116 28.52 1.97 13.77
C THR A 116 27.32 1.78 12.83
N GLU A 117 26.65 0.63 12.95
CA GLU A 117 25.44 0.39 12.19
C GLU A 117 24.26 1.19 12.73
N SER A 118 23.36 1.55 11.80
CA SER A 118 22.10 2.21 12.08
C SER A 118 21.08 1.17 12.52
N SER A 119 19.97 1.67 13.07
CA SER A 119 18.85 0.85 13.50
C SER A 119 17.63 1.75 13.48
N VAL A 120 16.44 1.14 13.51
CA VAL A 120 15.23 1.93 13.28
C VAL A 120 15.03 2.95 14.41
N LEU A 121 14.43 4.10 14.06
CA LEU A 121 14.25 5.23 14.96
C LEU A 121 13.13 4.96 15.97
N GLY A 122 12.04 4.35 15.46
CA GLY A 122 10.78 4.22 16.18
C GLY A 122 10.08 5.57 16.38
N PRO A 123 8.94 5.58 17.09
CA PRO A 123 8.17 6.82 17.25
C PRO A 123 8.41 7.69 18.47
N PHE A 124 9.42 7.37 19.32
CA PHE A 124 9.48 8.01 20.63
C PHE A 124 10.54 9.12 20.69
N PHE A 125 11.09 9.53 19.54
CA PHE A 125 12.04 10.62 19.56
C PHE A 125 11.25 11.92 19.80
N THR A 126 11.82 12.84 20.59
CA THR A 126 11.24 14.17 20.78
C THR A 126 12.36 15.20 20.63
N ASP A 127 12.01 16.38 20.11
CA ASP A 127 13.03 17.37 19.86
C ASP A 127 13.13 18.28 21.07
N ASP A 128 12.54 17.89 22.20
CA ASP A 128 12.48 18.70 23.41
C ASP A 128 13.33 18.12 24.54
N ALA A 129 14.18 17.14 24.26
CA ALA A 129 14.90 16.49 25.34
C ALA A 129 15.77 17.53 26.04
N PRO A 130 15.92 17.48 27.36
CA PRO A 130 16.78 18.45 28.05
C PRO A 130 18.26 18.22 27.75
N ASP A 131 19.01 19.31 27.83
CA ASP A 131 20.45 19.25 27.77
C ASP A 131 20.95 18.54 29.00
N VAL A 132 21.84 17.58 28.80
CA VAL A 132 22.44 16.83 29.90
C VAL A 132 23.94 16.90 29.70
N ALA A 133 24.65 17.33 30.75
CA ALA A 133 26.09 17.43 30.70
C ALA A 133 26.67 16.04 30.90
N ASN A 134 27.91 15.89 30.42
CA ASN A 134 28.59 14.60 30.48
C ASN A 134 28.68 14.21 31.94
N GLY A 135 28.26 12.99 32.26
CA GLY A 135 28.33 12.52 33.62
C GLY A 135 27.01 12.66 34.37
N GLU A 136 26.07 13.47 33.85
CA GLU A 136 24.78 13.65 34.46
C GLU A 136 23.83 12.55 34.00
N SER A 137 22.59 12.56 34.49
CA SER A 137 21.66 11.47 34.23
C SER A 137 20.56 11.92 33.27
N ILE A 138 20.10 11.01 32.41
CA ILE A 138 18.88 11.21 31.63
C ILE A 138 17.67 10.69 32.38
N ALA A 139 17.88 10.02 33.54
CA ALA A 139 16.81 9.39 34.28
C ALA A 139 16.81 9.87 35.73
N SER A 140 15.63 10.24 36.24
CA SER A 140 15.49 10.53 37.66
C SER A 140 15.73 9.27 38.48
N GLU A 141 16.02 9.46 39.77
CA GLU A 141 16.16 8.35 40.71
C GLU A 141 14.83 7.63 40.77
N GLY A 142 14.88 6.30 40.87
CA GLY A 142 13.67 5.48 40.99
C GLY A 142 13.05 5.10 39.64
N LYS A 143 13.70 5.37 38.51
CA LYS A 143 13.11 5.00 37.23
C LYS A 143 13.59 3.63 36.72
N GLY A 144 14.50 2.97 37.43
CA GLY A 144 14.94 1.64 37.08
C GLY A 144 16.35 1.33 37.59
N ASP A 145 16.91 0.21 37.15
CA ASP A 145 18.23 -0.22 37.58
C ASP A 145 19.29 0.69 36.94
N TYR A 146 20.31 1.04 37.71
CA TYR A 146 21.32 1.98 37.27
C TYR A 146 22.08 1.45 36.05
N MET A 147 22.30 2.32 35.08
CA MET A 147 23.15 2.03 33.93
C MET A 147 23.98 3.27 33.61
N TYR A 148 25.25 3.05 33.20
CA TYR A 148 26.14 4.12 32.84
C TYR A 148 26.57 3.88 31.40
N VAL A 149 26.59 4.93 30.59
CA VAL A 149 26.88 4.82 29.19
C VAL A 149 28.05 5.75 28.90
N GLU A 150 29.07 5.24 28.20
CA GLU A 150 30.21 6.08 27.93
C GLU A 150 30.93 5.57 26.68
N GLY A 151 31.63 6.50 26.06
CA GLY A 151 32.48 6.17 24.93
C GLY A 151 32.99 7.44 24.25
N GLN A 152 33.40 7.23 23.01
CA GLN A 152 33.91 8.29 22.17
C GLN A 152 33.17 8.31 20.84
N VAL A 153 32.96 9.51 20.33
CA VAL A 153 32.48 9.72 18.98
C VAL A 153 33.72 9.90 18.12
N LEU A 154 33.81 9.10 17.05
CA LEU A 154 34.98 9.07 16.21
C LEU A 154 34.54 9.02 14.76
N SER A 155 35.44 9.50 13.88
CA SER A 155 35.33 9.24 12.46
C SER A 155 35.81 7.81 12.15
N THR A 156 35.42 7.28 10.99
CA THR A 156 35.91 5.98 10.56
C THR A 156 37.44 5.90 10.51
N ASP A 157 38.15 7.03 10.37
CA ASP A 157 39.60 7.02 10.32
C ASP A 157 40.18 7.02 11.73
N GLY A 158 39.34 7.13 12.75
CA GLY A 158 39.79 7.16 14.13
C GLY A 158 39.84 8.56 14.76
N THR A 159 39.67 9.63 13.98
CA THR A 159 39.76 10.97 14.53
C THR A 159 38.58 11.24 15.47
N PRO A 160 38.80 11.74 16.69
CA PRO A 160 37.69 12.19 17.52
C PRO A 160 36.80 13.25 16.87
N VAL A 161 35.51 13.18 17.20
CA VAL A 161 34.54 14.14 16.71
C VAL A 161 34.02 14.95 17.91
N PRO A 162 34.54 16.16 18.14
CA PRO A 162 34.04 17.02 19.21
C PRO A 162 32.73 17.71 18.84
N ASP A 163 31.93 18.05 19.86
CA ASP A 163 30.70 18.82 19.72
C ASP A 163 29.58 18.09 18.96
N ALA A 164 29.69 16.77 18.79
CA ALA A 164 28.58 16.05 18.18
C ALA A 164 27.38 16.14 19.12
N VAL A 165 26.19 16.24 18.54
CA VAL A 165 24.97 16.18 19.32
C VAL A 165 24.53 14.71 19.42
N ILE A 166 24.34 14.25 20.67
CA ILE A 166 23.89 12.91 20.97
C ILE A 166 22.53 13.01 21.64
N GLU A 167 21.50 12.61 20.91
CA GLU A 167 20.17 12.46 21.46
C GLU A 167 20.08 11.03 21.94
N THR A 168 19.54 10.82 23.14
CA THR A 168 19.35 9.47 23.63
C THR A 168 17.99 9.41 24.33
N TRP A 169 17.33 8.25 24.22
CA TRP A 169 16.06 8.05 24.90
C TRP A 169 15.83 6.56 25.10
N GLU A 170 14.96 6.25 26.06
CA GLU A 170 14.68 4.87 26.42
C GLU A 170 13.44 4.81 27.29
N THR A 171 12.95 3.60 27.51
CA THR A 171 11.89 3.35 28.47
C THR A 171 12.40 3.49 29.90
N ASP A 172 11.47 3.63 30.84
CA ASP A 172 11.75 3.37 32.24
C ASP A 172 11.61 1.88 32.51
N ALA A 173 11.73 1.48 33.78
CA ALA A 173 11.70 0.09 34.18
C ALA A 173 10.34 -0.55 33.93
N LYS A 174 9.28 0.25 33.72
CA LYS A 174 7.96 -0.27 33.43
C LYS A 174 7.73 -0.46 31.93
N GLY A 175 8.72 -0.08 31.12
CA GLY A 175 8.61 -0.22 29.67
C GLY A 175 7.86 0.94 29.01
N PHE A 176 7.78 2.09 29.68
CA PHE A 176 7.12 3.24 29.08
C PHE A 176 8.12 4.35 28.74
N TYR A 177 7.91 4.98 27.58
CA TYR A 177 8.54 6.26 27.27
C TYR A 177 7.74 7.38 27.93
N ASP A 178 8.35 8.55 28.10
CA ASP A 178 7.80 9.57 28.97
C ASP A 178 6.48 10.13 28.43
N ASN A 179 6.29 10.12 27.10
CA ASN A 179 5.07 10.60 26.49
C ASN A 179 3.97 9.53 26.45
N GLN A 180 4.15 8.42 27.15
CA GLN A 180 3.08 7.43 27.27
C GLN A 180 2.37 7.60 28.60
N TYR A 181 2.74 8.65 29.36
CA TYR A 181 2.13 8.94 30.64
C TYR A 181 1.23 10.18 30.50
N LYS A 182 0.14 10.21 31.28
CA LYS A 182 -0.79 11.34 31.36
C LYS A 182 -0.07 12.59 31.85
N ASN A 183 0.56 12.50 33.02
CA ASN A 183 1.39 13.54 33.59
C ASN A 183 2.72 13.61 32.81
N ARG A 184 2.78 14.52 31.83
CA ARG A 184 4.01 14.82 31.10
C ARG A 184 4.47 16.22 31.50
N ASP A 185 4.58 16.46 32.82
CA ASP A 185 5.07 17.70 33.38
C ASP A 185 6.49 18.01 32.90
N HIS A 186 7.31 16.97 32.78
CA HIS A 186 8.72 17.14 32.44
C HIS A 186 9.22 15.90 31.71
N PRO A 187 10.26 16.04 30.85
CA PRO A 187 10.79 14.90 30.12
C PRO A 187 11.37 13.90 31.11
N GLU A 188 11.47 12.63 30.71
CA GLU A 188 12.08 11.61 31.54
C GLU A 188 12.74 10.55 30.65
N CYS A 189 13.88 10.01 31.09
CA CYS A 189 14.63 8.96 30.40
C CYS A 189 14.94 9.38 28.96
N ARG A 190 15.33 10.64 28.82
CA ARG A 190 15.85 11.12 27.55
C ARG A 190 16.74 12.30 27.81
N GLY A 191 17.66 12.54 26.88
CA GLY A 191 18.56 13.64 27.04
C GLY A 191 19.28 13.96 25.75
N ARG A 192 19.88 15.13 25.75
CA ARG A 192 20.66 15.63 24.64
C ARG A 192 22.01 16.04 25.18
N LEU A 193 23.05 15.36 24.71
CA LEU A 193 24.42 15.61 25.13
C LEU A 193 25.25 16.12 23.95
N ARG A 194 26.45 16.59 24.28
CA ARG A 194 27.45 17.00 23.32
C ARG A 194 28.74 16.28 23.62
N SER A 195 29.37 15.67 22.60
CA SER A 195 30.69 15.10 22.80
C SER A 195 31.67 16.21 23.19
N ASP A 196 32.65 15.88 24.05
CA ASP A 196 33.57 16.92 24.51
C ASP A 196 34.68 17.13 23.50
N LYS A 197 35.75 17.83 23.91
CA LYS A 197 36.77 18.23 22.97
C LYS A 197 37.60 17.04 22.51
N ASP A 198 37.56 15.92 23.25
CA ASP A 198 38.19 14.67 22.82
C ASP A 198 37.14 13.69 22.27
N GLY A 199 35.95 14.19 21.94
CA GLY A 199 34.89 13.38 21.40
C GLY A 199 34.26 12.43 22.42
N LYS A 200 34.52 12.66 23.69
CA LYS A 200 34.03 11.75 24.72
C LYS A 200 32.66 12.16 25.20
N PHE A 201 31.88 11.16 25.58
CA PHE A 201 30.59 11.38 26.20
C PHE A 201 30.40 10.34 27.31
N ALA A 202 29.52 10.67 28.27
CA ALA A 202 29.19 9.78 29.35
C ALA A 202 27.87 10.24 29.97
N TYR A 203 27.03 9.30 30.37
CA TYR A 203 25.87 9.69 31.12
C TYR A 203 25.33 8.53 31.91
N ARG A 204 24.50 8.89 32.91
CA ARG A 204 23.77 7.92 33.71
C ARG A 204 22.40 7.72 33.07
N ALA A 205 21.86 6.53 33.25
CA ALA A 205 20.60 6.13 32.64
C ALA A 205 20.07 4.96 33.47
N VAL A 206 19.07 4.26 32.93
CA VAL A 206 18.56 3.04 33.53
C VAL A 206 18.62 1.94 32.49
N VAL A 207 18.57 0.71 32.97
CA VAL A 207 18.54 -0.45 32.12
C VAL A 207 17.16 -0.45 31.47
N PRO A 208 17.08 -0.37 30.12
CA PRO A 208 15.78 -0.35 29.43
C PRO A 208 15.19 -1.75 29.45
N VAL A 209 13.90 -1.87 29.15
CA VAL A 209 13.24 -3.16 29.14
C VAL A 209 12.43 -3.35 27.85
N ALA A 210 12.10 -4.63 27.58
CA ALA A 210 11.27 -5.00 26.45
C ALA A 210 9.88 -4.35 26.53
N TYR A 211 9.28 -4.10 25.37
CA TYR A 211 7.96 -3.51 25.36
C TYR A 211 7.22 -3.79 24.06
N PRO A 212 5.88 -3.67 24.07
CA PRO A 212 5.08 -3.89 22.87
C PRO A 212 4.96 -2.63 22.01
N ILE A 213 4.92 -2.87 20.70
CA ILE A 213 4.50 -1.89 19.72
C ILE A 213 2.98 -1.97 19.59
N PRO A 214 2.34 -0.95 18.98
CA PRO A 214 0.88 -0.89 18.96
C PRO A 214 0.25 -2.12 18.30
N GLY A 215 -0.55 -2.84 19.08
CA GLY A 215 -1.20 -4.05 18.61
C GLY A 215 -2.70 -3.87 18.44
N ASP A 216 -3.19 -2.63 18.52
CA ASP A 216 -4.62 -2.37 18.62
C ASP A 216 -5.17 -1.95 17.26
N GLY A 217 -4.33 -1.75 16.28
CA GLY A 217 -4.80 -1.33 14.97
C GLY A 217 -4.63 -2.43 13.93
N PRO A 218 -4.70 -2.09 12.62
CA PRO A 218 -4.53 -3.09 11.58
C PRO A 218 -3.24 -3.90 11.61
N VAL A 219 -2.11 -3.27 11.95
CA VAL A 219 -0.86 -4.02 11.98
C VAL A 219 -0.96 -5.10 13.06
N GLY A 220 -1.58 -4.77 14.18
CA GLY A 220 -1.78 -5.75 15.24
C GLY A 220 -2.58 -6.96 14.76
N GLU A 221 -3.64 -6.70 13.97
CA GLU A 221 -4.47 -7.76 13.45
C GLU A 221 -3.64 -8.66 12.53
N MET A 222 -2.78 -8.03 11.73
CA MET A 222 -1.95 -8.76 10.80
C MET A 222 -0.97 -9.66 11.57
N LEU A 223 -0.29 -9.11 12.58
CA LEU A 223 0.66 -9.90 13.34
C LEU A 223 -0.02 -11.16 13.91
N LEU A 224 -1.22 -11.03 14.47
CA LEU A 224 -1.91 -12.19 15.01
C LEU A 224 -2.23 -13.23 13.93
N GLN A 225 -2.61 -12.82 12.71
CA GLN A 225 -2.83 -13.79 11.64
C GLN A 225 -1.54 -14.47 11.19
N LEU A 226 -0.43 -13.78 11.38
CA LEU A 226 0.88 -14.34 11.07
C LEU A 226 1.47 -15.11 12.26
N ASN A 227 0.75 -15.20 13.40
CA ASN A 227 1.24 -15.84 14.63
C ASN A 227 2.61 -15.27 15.02
N ARG A 228 2.69 -13.94 14.99
CA ARG A 228 3.85 -13.21 15.44
C ARG A 228 3.50 -12.33 16.63
N HIS A 229 4.51 -12.10 17.48
CA HIS A 229 4.38 -11.18 18.59
C HIS A 229 4.61 -9.74 18.12
N ASN A 230 4.20 -8.81 19.00
CA ASN A 230 4.37 -7.39 18.80
C ASN A 230 5.41 -6.82 19.77
N MET A 231 6.48 -7.55 20.07
CA MET A 231 7.40 -7.09 21.10
C MET A 231 8.73 -6.63 20.49
N ARG A 232 9.34 -5.64 21.15
CA ARG A 232 10.72 -5.27 20.91
C ARG A 232 11.58 -5.69 22.13
N PRO A 233 12.81 -6.22 21.94
CA PRO A 233 13.72 -6.42 23.06
C PRO A 233 14.24 -5.06 23.55
N ASN A 234 14.79 -5.09 24.78
CA ASN A 234 15.33 -3.93 25.45
C ASN A 234 16.31 -3.20 24.51
N HIS A 235 16.27 -1.88 24.52
CA HIS A 235 17.27 -1.11 23.81
C HIS A 235 17.38 0.32 24.36
N LEU A 236 18.55 0.91 24.09
CA LEU A 236 18.82 2.33 24.30
C LEU A 236 18.97 2.99 22.94
N HIS A 237 18.16 4.02 22.67
CA HIS A 237 18.25 4.74 21.42
C HIS A 237 19.33 5.82 21.52
N LEU A 238 20.02 6.03 20.39
CA LEU A 238 20.91 7.15 20.18
C LEU A 238 20.77 7.69 18.77
N MET A 239 20.84 9.01 18.67
CA MET A 239 20.93 9.67 17.39
C MET A 239 22.07 10.68 17.50
N ILE A 240 23.03 10.54 16.61
CA ILE A 240 24.22 11.35 16.64
C ILE A 240 24.33 12.15 15.34
N SER A 241 24.49 13.45 15.47
CA SER A 241 24.65 14.32 14.33
C SER A 241 25.89 15.18 14.54
N ALA A 242 26.59 15.48 13.45
CA ALA A 242 27.75 16.34 13.52
C ALA A 242 28.05 16.82 12.11
N PRO A 243 28.23 18.14 11.89
CA PRO A 243 28.44 18.63 10.51
C PRO A 243 29.64 17.90 9.92
N GLY A 244 29.49 17.42 8.69
CA GLY A 244 30.53 16.72 7.97
C GLY A 244 30.35 15.20 7.95
N TYR A 245 29.40 14.69 8.76
CA TYR A 245 29.17 13.26 8.92
C TYR A 245 27.73 12.90 8.63
N ASN A 246 27.53 11.64 8.24
CA ASN A 246 26.22 11.03 8.06
C ASN A 246 25.59 10.86 9.45
N THR A 247 24.44 11.50 9.66
CA THR A 247 23.71 11.31 10.91
C THR A 247 23.47 9.83 11.17
N LEU A 248 23.77 9.41 12.41
CA LEU A 248 23.60 8.03 12.82
C LEU A 248 22.41 7.91 13.76
N VAL A 249 21.43 7.13 13.33
CA VAL A 249 20.29 6.76 14.15
C VAL A 249 20.49 5.30 14.47
N THR A 250 20.66 4.97 15.76
CA THR A 250 21.02 3.62 16.15
C THR A 250 20.42 3.28 17.50
N ALA A 251 20.73 2.07 17.95
CA ALA A 251 20.29 1.60 19.25
C ALA A 251 21.21 0.46 19.68
N PHE A 252 21.42 0.33 21.00
CA PHE A 252 22.15 -0.79 21.56
C PHE A 252 21.20 -1.66 22.37
N TYR A 253 21.33 -2.97 22.18
CA TYR A 253 20.40 -3.97 22.65
C TYR A 253 21.08 -4.86 23.69
N PRO A 254 20.84 -4.67 24.99
CA PRO A 254 21.47 -5.54 26.01
C PRO A 254 21.17 -7.03 25.87
N GLU A 255 22.25 -7.80 25.96
CA GLU A 255 22.14 -9.24 26.01
C GLU A 255 21.23 -9.66 27.14
N GLY A 256 20.64 -10.83 26.96
CA GLY A 256 19.85 -11.46 28.00
C GLY A 256 18.36 -11.37 27.80
N ASP A 257 17.88 -10.63 26.81
CA ASP A 257 16.45 -10.39 26.60
C ASP A 257 15.92 -11.47 25.64
N GLU A 258 14.81 -12.14 26.00
CA GLU A 258 14.31 -13.27 25.22
C GLU A 258 13.75 -12.86 23.84
N TYR A 259 13.59 -11.54 23.59
CA TYR A 259 13.08 -11.10 22.30
C TYR A 259 14.18 -10.65 21.34
N LEU A 260 15.44 -10.78 21.73
CA LEU A 260 16.54 -10.25 20.92
C LEU A 260 16.56 -10.84 19.51
N SER A 261 16.21 -12.13 19.38
CA SER A 261 16.31 -12.80 18.10
C SER A 261 15.06 -12.54 17.23
N SER A 262 14.02 -11.88 17.76
CA SER A 262 12.74 -11.79 17.07
C SER A 262 12.12 -10.41 17.27
N ASP A 263 12.95 -9.37 17.22
CA ASP A 263 12.49 -8.00 17.23
C ASP A 263 11.41 -7.81 16.17
N ALA A 264 10.24 -7.31 16.58
CA ALA A 264 9.09 -7.27 15.70
C ALA A 264 9.32 -6.29 14.55
N VAL A 265 10.26 -5.35 14.73
CA VAL A 265 10.60 -4.35 13.70
C VAL A 265 12.03 -4.49 13.16
N PHE A 266 12.73 -5.58 13.50
CA PHE A 266 14.01 -5.91 12.88
C PHE A 266 15.04 -4.81 13.10
N GLY A 267 15.04 -4.21 14.28
CA GLY A 267 16.04 -3.23 14.64
C GLY A 267 17.38 -3.88 14.99
N VAL A 268 17.29 -5.06 15.63
CA VAL A 268 18.47 -5.74 16.14
C VAL A 268 19.44 -6.09 15.01
N LYS A 269 20.71 -5.84 15.26
CA LYS A 269 21.84 -6.29 14.44
C LYS A 269 22.89 -6.84 15.39
N LYS A 270 23.67 -7.79 14.88
CA LYS A 270 24.65 -8.48 15.65
C LYS A 270 25.59 -7.51 16.36
N SER A 271 26.08 -6.51 15.63
CA SER A 271 27.06 -5.56 16.14
C SER A 271 26.45 -4.63 17.18
N LEU A 272 25.12 -4.61 17.31
CA LEU A 272 24.46 -3.67 18.19
C LEU A 272 23.99 -4.34 19.49
N VAL A 273 24.11 -5.68 19.57
CA VAL A 273 23.80 -6.40 20.81
C VAL A 273 24.99 -6.24 21.74
N VAL A 274 24.76 -5.73 22.95
CA VAL A 274 25.85 -5.39 23.86
C VAL A 274 25.72 -6.19 25.15
N GLY A 275 26.86 -6.64 25.67
CA GLY A 275 26.91 -7.32 26.98
C GLY A 275 27.21 -6.29 28.05
N LEU A 276 26.23 -5.93 28.86
CA LEU A 276 26.42 -4.92 29.86
C LEU A 276 27.32 -5.50 30.95
N GLU A 277 28.32 -4.73 31.39
CA GLU A 277 29.20 -5.14 32.47
C GLU A 277 28.61 -4.74 33.83
N GLU A 278 28.55 -5.73 34.72
CA GLU A 278 28.15 -5.51 36.09
C GLU A 278 29.32 -4.91 36.87
N VAL A 279 29.21 -3.67 37.31
CA VAL A 279 30.27 -3.05 38.10
C VAL A 279 29.80 -3.02 39.54
N LYS A 280 30.38 -3.89 40.38
CA LYS A 280 30.02 -3.95 41.79
C LYS A 280 31.08 -3.22 42.58
N ASP A 281 31.01 -1.90 42.58
CA ASP A 281 32.01 -1.09 43.22
C ASP A 281 31.32 0.19 43.70
N ASP A 282 30.95 0.19 44.98
CA ASP A 282 30.04 1.17 45.56
C ASP A 282 30.69 2.54 45.49
N SER A 283 31.98 2.62 45.78
CA SER A 283 32.71 3.87 45.69
C SER A 283 32.63 4.48 44.29
N GLU A 284 32.94 3.65 43.27
CA GLU A 284 32.96 4.10 41.89
C GLU A 284 31.54 4.54 41.47
N ALA A 285 30.53 3.77 41.89
CA ALA A 285 29.15 4.07 41.58
C ALA A 285 28.80 5.46 42.10
N ARG A 286 29.16 5.75 43.36
CA ARG A 286 28.83 7.02 43.98
C ARG A 286 29.65 8.14 43.30
N LYS A 287 30.89 7.86 42.94
CA LYS A 287 31.71 8.87 42.31
C LYS A 287 31.16 9.24 40.93
N ARG A 288 30.52 8.30 40.23
CA ARG A 288 29.94 8.62 38.93
C ARG A 288 28.63 9.38 39.06
N GLY A 289 28.11 9.46 40.26
CA GLY A 289 26.94 10.27 40.59
C GLY A 289 25.70 9.42 40.84
N PHE A 290 25.79 8.09 40.90
CA PHE A 290 24.62 7.31 41.28
C PHE A 290 24.33 7.51 42.78
N ALA A 291 23.16 8.06 43.08
CA ALA A 291 22.88 8.61 44.39
C ALA A 291 22.88 7.54 45.47
N GLU A 292 22.32 6.36 45.17
CA GLU A 292 22.25 5.28 46.14
C GLU A 292 23.45 4.34 46.01
N GLY A 293 24.39 4.62 45.12
CA GLY A 293 25.58 3.80 44.95
C GLY A 293 25.24 2.34 44.68
N GLY A 294 25.96 1.44 45.32
CA GLY A 294 25.73 0.01 45.15
C GLY A 294 26.50 -0.51 43.95
N SER A 295 25.83 -0.51 42.80
CA SER A 295 26.33 -1.16 41.60
C SER A 295 25.56 -0.64 40.38
N PHE A 296 26.17 -0.77 39.20
CA PHE A 296 25.54 -0.32 37.97
C PHE A 296 25.97 -1.21 36.82
N LYS A 297 25.15 -1.22 35.77
CA LYS A 297 25.54 -1.84 34.51
C LYS A 297 26.25 -0.80 33.64
N LEU A 298 27.39 -1.21 33.06
CA LEU A 298 28.17 -0.32 32.21
C LEU A 298 28.07 -0.72 30.74
N LEU A 299 27.77 0.29 29.93
CA LEU A 299 27.63 0.16 28.49
C LEU A 299 28.68 1.10 27.91
N LYS A 300 29.76 0.48 27.45
CA LYS A 300 30.91 1.22 26.95
C LYS A 300 31.01 0.92 25.48
N ARG A 301 30.77 1.93 24.65
CA ARG A 301 30.71 1.71 23.21
C ARG A 301 31.06 3.03 22.56
N ASP A 302 31.93 2.97 21.56
CA ASP A 302 32.19 4.11 20.72
C ASP A 302 31.10 4.25 19.66
N LEU A 303 30.97 5.47 19.14
CA LEU A 303 30.06 5.78 18.06
C LEU A 303 30.91 6.26 16.89
N VAL A 304 31.02 5.41 15.85
CA VAL A 304 31.90 5.64 14.74
C VAL A 304 31.05 6.13 13.55
N LEU A 305 31.32 7.36 13.12
CA LEU A 305 30.53 8.08 12.12
C LEU A 305 31.25 8.06 10.77
N VAL A 306 30.44 8.01 9.70
CA VAL A 306 30.98 8.00 8.36
C VAL A 306 30.99 9.42 7.81
N PRO A 307 32.13 9.92 7.32
CA PRO A 307 32.14 11.22 6.64
C PRO A 307 31.08 11.21 5.55
N GLU A 308 30.36 12.33 5.45
CA GLU A 308 29.18 12.40 4.60
C GLU A 308 29.49 12.01 3.14
N ALA A 309 30.59 12.51 2.57
CA ALA A 309 30.92 12.14 1.20
C ALA A 309 31.15 10.63 1.07
N ASP A 310 31.78 9.99 2.05
CA ASP A 310 32.03 8.56 1.97
C ASP A 310 30.71 7.79 1.99
N SER A 311 29.75 8.21 2.82
CA SER A 311 28.48 7.51 2.93
C SER A 311 27.75 7.52 1.59
N ARG A 312 27.67 8.70 0.98
CA ARG A 312 27.00 8.91 -0.29
C ARG A 312 27.67 8.09 -1.38
N LYS A 313 29.01 8.10 -1.43
CA LYS A 313 29.74 7.31 -2.42
C LYS A 313 29.47 5.82 -2.27
N ALA A 314 29.53 5.31 -1.04
CA ALA A 314 29.30 3.89 -0.80
C ALA A 314 27.91 3.50 -1.31
N ARG A 315 26.89 4.29 -0.95
CA ARG A 315 25.53 4.00 -1.34
C ARG A 315 25.34 3.96 -2.85
N GLU A 316 25.91 4.92 -3.59
CA GLU A 316 25.71 4.98 -5.02
C GLU A 316 26.51 3.84 -5.69
N ALA A 317 27.70 3.52 -5.16
CA ALA A 317 28.49 2.43 -5.72
C ALA A 317 27.79 1.08 -5.52
N PHE A 318 27.19 0.86 -4.35
CA PHE A 318 26.50 -0.39 -4.05
C PHE A 318 25.18 -0.52 -4.83
N ALA A 319 24.56 0.61 -5.14
CA ALA A 319 23.29 0.61 -5.87
C ALA A 319 23.51 0.21 -7.34
N GLN A 320 24.74 0.40 -7.85
CA GLN A 320 25.10 -0.06 -9.19
C GLN A 320 25.12 -1.58 -9.27
N GLU A 321 25.78 -2.24 -8.30
CA GLU A 321 25.72 -3.70 -8.19
C GLU A 321 24.28 -4.16 -8.36
N ARG A 322 23.40 -3.68 -7.46
CA ARG A 322 22.00 -4.07 -7.48
C ARG A 322 21.28 -3.26 -8.56
N GLU B 4 0.56 12.92 24.40
CA GLU B 4 0.39 11.61 25.08
C GLU B 4 0.17 10.53 24.02
N VAL B 5 0.66 9.32 24.31
CA VAL B 5 0.53 8.15 23.44
C VAL B 5 0.01 7.01 24.30
N ASP B 6 -0.70 6.08 23.66
CA ASP B 6 -1.25 4.91 24.34
C ASP B 6 -0.11 4.03 24.84
N LYS B 7 -0.30 3.45 26.03
CA LYS B 7 0.38 2.21 26.39
C LYS B 7 -0.11 1.10 25.46
N ALA B 8 0.83 0.41 24.80
CA ALA B 8 0.52 -0.76 23.99
C ALA B 8 0.48 -1.99 24.88
N VAL B 9 -0.04 -3.10 24.35
CA VAL B 9 -0.27 -4.31 25.13
C VAL B 9 0.35 -5.51 24.39
N PRO B 10 1.10 -6.40 25.07
CA PRO B 10 1.66 -7.59 24.41
C PRO B 10 0.52 -8.47 23.86
N ASN B 11 0.70 -9.05 22.69
CA ASN B 11 -0.37 -9.82 22.08
C ASN B 11 -0.34 -11.28 22.56
N GLY B 12 0.67 -11.69 23.33
CA GLY B 12 0.67 -13.00 23.95
C GLY B 12 1.34 -14.08 23.11
N ILE B 13 1.68 -13.81 21.84
CA ILE B 13 2.48 -14.74 21.06
C ILE B 13 3.85 -14.84 21.73
N PRO B 14 4.42 -16.06 21.89
CA PRO B 14 5.71 -16.23 22.54
C PRO B 14 6.86 -15.91 21.60
N PRO B 15 8.09 -15.74 22.14
CA PRO B 15 9.27 -15.63 21.29
C PRO B 15 9.38 -16.92 20.48
N PRO B 16 9.60 -16.87 19.15
CA PRO B 16 9.58 -18.10 18.35
C PRO B 16 10.79 -18.95 18.68
N GLN B 17 10.59 -20.27 18.66
CA GLN B 17 11.72 -21.18 18.72
CA GLN B 17 11.65 -21.25 18.70
C GLN B 17 12.10 -21.50 17.27
N LEU B 18 12.86 -20.57 16.69
CA LEU B 18 13.43 -20.68 15.35
C LEU B 18 14.87 -20.20 15.42
N ASP B 19 15.70 -20.64 14.50
CA ASP B 19 17.05 -20.12 14.39
C ASP B 19 17.02 -18.81 13.59
N LEU B 20 17.17 -17.68 14.29
CA LEU B 20 17.08 -16.38 13.68
C LEU B 20 18.35 -15.63 14.06
N PRO B 21 19.47 -15.85 13.35
CA PRO B 21 20.71 -15.16 13.69
C PRO B 21 20.51 -13.64 13.63
N TYR B 22 21.16 -12.92 14.53
CA TYR B 22 21.10 -11.47 14.56
C TYR B 22 21.63 -10.97 13.23
N PRO B 23 20.89 -10.18 12.42
CA PRO B 23 21.39 -9.74 11.14
C PRO B 23 22.77 -9.08 11.19
N ASP B 24 23.65 -9.62 10.34
CA ASP B 24 24.99 -9.11 10.17
C ASP B 24 25.16 -8.69 8.72
N SER B 25 24.08 -8.80 7.94
CA SER B 25 23.99 -8.21 6.62
C SER B 25 22.53 -8.00 6.30
N PRO B 26 22.18 -7.16 5.31
CA PRO B 26 20.76 -6.86 5.06
C PRO B 26 19.97 -8.08 4.62
N GLU B 27 20.64 -9.02 3.95
CA GLU B 27 19.96 -10.20 3.45
C GLU B 27 19.36 -11.02 4.61
N THR B 28 20.03 -11.06 5.77
CA THR B 28 19.54 -11.83 6.88
C THR B 28 18.21 -11.28 7.42
N ILE B 29 17.95 -9.99 7.21
CA ILE B 29 16.64 -9.44 7.58
C ILE B 29 15.57 -10.24 6.86
N THR B 30 15.74 -10.32 5.55
CA THR B 30 14.78 -11.02 4.70
C THR B 30 14.69 -12.49 5.08
N ASP B 31 15.86 -13.15 5.27
CA ASP B 31 15.87 -14.58 5.57
C ASP B 31 15.11 -14.84 6.85
N ASN B 32 15.35 -13.99 7.86
CA ASN B 32 14.71 -14.20 9.15
C ASN B 32 13.20 -13.98 9.02
N LEU B 33 12.82 -12.95 8.27
CA LEU B 33 11.40 -12.64 8.12
C LEU B 33 10.68 -13.79 7.42
N LEU B 34 11.30 -14.34 6.38
CA LEU B 34 10.71 -15.47 5.68
C LEU B 34 10.62 -16.70 6.59
N LYS B 35 11.65 -16.95 7.39
CA LYS B 35 11.56 -18.03 8.34
C LYS B 35 10.38 -17.85 9.29
N LEU B 36 10.25 -16.67 9.90
CA LEU B 36 9.13 -16.37 10.77
C LEU B 36 7.78 -16.61 10.10
N THR B 37 7.72 -16.24 8.82
CA THR B 37 6.47 -16.33 8.06
C THR B 37 5.92 -17.76 8.00
N GLU B 38 6.79 -18.76 8.17
CA GLU B 38 6.36 -20.16 8.15
C GLU B 38 5.46 -20.52 9.34
N LEU B 39 5.39 -19.64 10.37
CA LEU B 39 4.54 -19.89 11.53
C LEU B 39 3.10 -19.49 11.23
N THR B 40 2.87 -18.77 10.12
CA THR B 40 1.52 -18.39 9.73
C THR B 40 0.69 -19.66 9.55
N PRO B 41 -0.41 -19.85 10.31
CA PRO B 41 -1.07 -21.16 10.35
C PRO B 41 -1.99 -21.50 9.17
N ASN B 42 -2.63 -20.50 8.60
CA ASN B 42 -3.47 -20.68 7.42
C ASN B 42 -2.53 -20.76 6.23
N PRO B 43 -2.48 -21.89 5.49
CA PRO B 43 -1.47 -22.06 4.45
C PRO B 43 -1.65 -21.13 3.25
N ARG B 44 -2.89 -20.67 3.03
CA ARG B 44 -3.15 -19.67 1.99
C ARG B 44 -2.55 -18.33 2.42
N HIS B 45 -2.79 -17.92 3.68
CA HIS B 45 -2.18 -16.71 4.22
C HIS B 45 -0.66 -16.77 4.16
N ARG B 46 -0.12 -17.96 4.43
CA ARG B 46 1.32 -18.13 4.53
C ARG B 46 1.93 -17.91 3.16
N PHE B 47 1.31 -18.55 2.17
CA PHE B 47 1.68 -18.42 0.78
C PHE B 47 1.63 -16.96 0.33
N LEU B 48 0.53 -16.27 0.60
CA LEU B 48 0.39 -14.88 0.24
C LEU B 48 1.49 -14.04 0.92
N ALA B 49 1.68 -14.26 2.22
CA ALA B 49 2.63 -13.45 2.99
C ALA B 49 4.03 -13.65 2.44
N LYS B 50 4.41 -14.91 2.24
CA LYS B 50 5.72 -15.21 1.74
C LYS B 50 5.98 -14.60 0.36
N THR B 51 5.03 -14.76 -0.56
CA THR B 51 5.18 -14.23 -1.91
C THR B 51 5.27 -12.70 -1.86
N LEU B 52 4.41 -12.08 -1.04
CA LEU B 52 4.42 -10.64 -0.89
C LEU B 52 5.77 -10.13 -0.39
N ILE B 53 6.27 -10.77 0.67
CA ILE B 53 7.49 -10.30 1.30
C ILE B 53 8.67 -10.37 0.34
N THR B 54 8.74 -11.47 -0.42
CA THR B 54 9.84 -11.67 -1.33
C THR B 54 9.84 -10.57 -2.40
N HIS B 55 8.66 -10.24 -2.95
CA HIS B 55 8.53 -9.20 -3.96
C HIS B 55 8.89 -7.82 -3.40
N LEU B 56 8.42 -7.56 -2.20
CA LEU B 56 8.63 -6.30 -1.52
C LEU B 56 10.12 -6.08 -1.27
N HIS B 57 10.80 -7.10 -0.74
CA HIS B 57 12.22 -7.01 -0.41
C HIS B 57 13.05 -6.97 -1.70
N ASP B 58 12.66 -7.77 -2.71
CA ASP B 58 13.35 -7.70 -3.99
C ASP B 58 13.21 -6.30 -4.61
N PHE B 59 12.00 -5.73 -4.55
CA PHE B 59 11.79 -4.40 -5.09
C PHE B 59 12.80 -3.43 -4.45
N VAL B 60 12.92 -3.48 -3.13
CA VAL B 60 13.77 -2.56 -2.39
C VAL B 60 15.23 -2.74 -2.77
N LYS B 61 15.67 -4.01 -2.86
CA LYS B 61 17.04 -4.31 -3.21
C LYS B 61 17.34 -3.88 -4.65
N GLU B 62 16.46 -4.21 -5.60
CA GLU B 62 16.73 -3.91 -7.01
C GLU B 62 16.86 -2.39 -7.26
N THR B 63 16.05 -1.61 -6.53
CA THR B 63 15.96 -0.18 -6.76
C THR B 63 16.90 0.59 -5.84
N SER B 64 17.37 -0.05 -4.75
CA SER B 64 18.09 0.66 -3.72
C SER B 64 17.27 1.89 -3.30
N LEU B 65 15.99 1.65 -3.02
CA LEU B 65 15.08 2.71 -2.63
C LEU B 65 15.71 3.61 -1.56
N THR B 66 15.63 4.92 -1.74
CA THR B 66 16.27 5.81 -0.80
C THR B 66 15.32 6.10 0.38
N THR B 67 15.88 6.69 1.41
CA THR B 67 15.13 7.05 2.59
C THR B 67 14.02 8.02 2.18
N ASP B 68 14.35 8.99 1.33
CA ASP B 68 13.36 10.01 0.98
C ASP B 68 12.26 9.37 0.13
N GLU B 69 12.63 8.46 -0.75
CA GLU B 69 11.66 7.79 -1.60
C GLU B 69 10.72 6.91 -0.75
N TRP B 70 11.30 6.22 0.23
CA TRP B 70 10.55 5.39 1.13
C TRP B 70 9.56 6.27 1.92
N MET B 71 10.05 7.38 2.45
CA MET B 71 9.20 8.25 3.24
C MET B 71 8.11 8.90 2.37
N THR B 72 8.44 9.30 1.12
CA THR B 72 7.42 9.78 0.20
C THR B 72 6.32 8.74 -0.05
N SER B 73 6.70 7.49 -0.25
CA SER B 73 5.78 6.38 -0.40
C SER B 73 4.85 6.22 0.80
N ILE B 74 5.44 6.34 1.98
CA ILE B 74 4.70 6.20 3.21
C ILE B 74 3.61 7.28 3.26
N GLN B 75 4.05 8.52 3.01
CA GLN B 75 3.18 9.67 3.10
C GLN B 75 2.09 9.60 2.02
N PHE B 76 2.44 9.12 0.83
CA PHE B 76 1.51 8.95 -0.29
C PHE B 76 0.41 7.94 0.10
N LEU B 77 0.84 6.77 0.60
CA LEU B 77 -0.09 5.72 0.95
C LEU B 77 -1.01 6.16 2.09
N THR B 78 -0.46 6.94 3.01
CA THR B 78 -1.20 7.51 4.11
C THR B 78 -2.30 8.41 3.57
N ARG B 79 -1.93 9.35 2.68
CA ARG B 79 -2.88 10.30 2.13
C ARG B 79 -3.96 9.57 1.32
N VAL B 80 -3.59 8.53 0.58
CA VAL B 80 -4.55 7.75 -0.17
C VAL B 80 -5.63 7.20 0.77
N GLY B 81 -5.21 6.60 1.89
CA GLY B 81 -6.15 6.07 2.87
C GLY B 81 -7.01 7.17 3.48
N GLN B 82 -6.39 8.30 3.79
CA GLN B 82 -7.05 9.35 4.53
C GLN B 82 -8.11 10.06 3.69
N ILE B 83 -8.03 10.00 2.36
CA ILE B 83 -9.00 10.69 1.53
C ILE B 83 -10.17 9.75 1.25
N CYS B 84 -10.06 8.49 1.65
CA CYS B 84 -11.15 7.56 1.41
C CYS B 84 -12.31 7.86 2.35
N THR B 85 -13.52 7.77 1.80
CA THR B 85 -14.75 8.00 2.56
C THR B 85 -15.76 7.00 2.03
N PRO B 86 -16.96 6.91 2.63
CA PRO B 86 -18.03 6.09 2.04
C PRO B 86 -18.31 6.46 0.58
N VAL B 87 -17.90 7.65 0.12
CA VAL B 87 -18.18 8.08 -1.25
C VAL B 87 -16.91 8.22 -2.09
N ARG B 88 -15.74 7.82 -1.58
CA ARG B 88 -14.52 7.92 -2.36
C ARG B 88 -13.56 6.80 -1.94
N GLN B 89 -13.15 5.97 -2.90
CA GLN B 89 -12.22 4.88 -2.64
C GLN B 89 -10.96 5.07 -3.48
N GLU B 90 -10.03 5.88 -2.93
CA GLU B 90 -8.80 6.23 -3.61
C GLU B 90 -7.85 5.03 -3.71
N PHE B 91 -7.97 4.04 -2.80
CA PHE B 91 -7.13 2.85 -2.92
C PHE B 91 -7.57 2.00 -4.11
N ILE B 92 -8.89 1.88 -4.32
CA ILE B 92 -9.37 1.21 -5.52
C ILE B 92 -8.90 1.95 -6.79
N LEU B 93 -8.95 3.27 -6.76
CA LEU B 93 -8.48 4.07 -7.87
C LEU B 93 -7.00 3.86 -8.13
N LEU B 94 -6.21 3.73 -7.05
CA LEU B 94 -4.78 3.41 -7.19
C LEU B 94 -4.56 2.03 -7.78
N SER B 95 -5.27 1.02 -7.26
CA SER B 95 -5.24 -0.32 -7.82
C SER B 95 -5.67 -0.31 -9.30
N ASP B 96 -6.71 0.46 -9.61
CA ASP B 96 -7.19 0.54 -10.99
C ASP B 96 -6.12 1.11 -11.93
N THR B 97 -5.53 2.26 -11.57
CA THR B 97 -4.60 2.95 -12.47
C THR B 97 -3.29 2.20 -12.62
N LEU B 98 -2.97 1.34 -11.65
CA LEU B 98 -1.79 0.50 -11.75
C LEU B 98 -2.13 -0.89 -12.27
N GLY B 99 -3.31 -1.05 -12.86
CA GLY B 99 -3.62 -2.25 -13.62
C GLY B 99 -3.96 -3.47 -12.76
N VAL B 100 -3.92 -3.29 -11.43
CA VAL B 100 -4.10 -4.42 -10.55
C VAL B 100 -5.57 -4.86 -10.56
N SER B 101 -6.48 -3.89 -10.47
CA SER B 101 -7.89 -4.21 -10.41
C SER B 101 -8.31 -5.06 -11.62
N ALA B 102 -7.84 -4.67 -12.80
CA ALA B 102 -8.26 -5.31 -14.03
C ALA B 102 -7.65 -6.71 -14.09
N LEU B 103 -6.39 -6.83 -13.69
CA LEU B 103 -5.76 -8.14 -13.70
C LEU B 103 -6.46 -9.11 -12.74
N VAL B 104 -6.78 -8.63 -11.53
CA VAL B 104 -7.47 -9.48 -10.56
C VAL B 104 -8.84 -9.88 -11.13
N ASP B 105 -9.51 -8.90 -11.73
CA ASP B 105 -10.86 -9.08 -12.25
C ASP B 105 -10.86 -10.16 -13.34
N ALA B 106 -9.84 -10.15 -14.19
CA ALA B 106 -9.77 -11.12 -15.27
C ALA B 106 -9.59 -12.54 -14.74
N ILE B 107 -8.63 -12.67 -13.83
CA ILE B 107 -8.27 -13.94 -13.21
C ILE B 107 -9.45 -14.56 -12.49
N ASN B 108 -10.26 -13.74 -11.83
CA ASN B 108 -11.39 -14.22 -11.06
C ASN B 108 -12.67 -14.45 -11.89
N ASN B 109 -12.67 -13.97 -13.14
CA ASN B 109 -13.83 -14.13 -14.02
C ASN B 109 -13.37 -14.60 -15.38
N PRO B 110 -12.73 -15.80 -15.46
CA PRO B 110 -12.16 -16.27 -16.72
C PRO B 110 -13.34 -16.50 -17.67
N PRO B 111 -13.21 -16.08 -18.94
CA PRO B 111 -14.27 -16.21 -19.94
C PRO B 111 -14.37 -17.61 -20.57
N VAL B 112 -14.78 -18.59 -19.76
CA VAL B 112 -14.86 -19.98 -20.17
C VAL B 112 -15.79 -20.10 -21.39
N ASN B 113 -15.44 -20.94 -22.38
CA ASN B 113 -16.31 -21.20 -23.51
C ASN B 113 -16.75 -19.92 -24.21
N GLY B 114 -15.83 -18.96 -24.31
CA GLY B 114 -16.08 -17.71 -25.00
C GLY B 114 -17.20 -16.87 -24.38
N ALA B 115 -17.44 -17.04 -23.07
CA ALA B 115 -18.42 -16.23 -22.36
C ALA B 115 -18.06 -14.74 -22.38
N THR B 116 -19.00 -13.89 -21.99
CA THR B 116 -18.75 -12.47 -21.98
C THR B 116 -17.70 -12.14 -20.92
N GLU B 117 -16.69 -11.36 -21.31
CA GLU B 117 -15.64 -10.95 -20.40
C GLU B 117 -16.16 -9.87 -19.46
N SER B 118 -15.53 -9.83 -18.28
CA SER B 118 -15.82 -8.86 -17.24
CA SER B 118 -15.80 -8.88 -17.22
C SER B 118 -15.01 -7.60 -17.49
N SER B 119 -15.39 -6.53 -16.80
CA SER B 119 -14.69 -5.26 -16.86
C SER B 119 -14.97 -4.55 -15.56
N VAL B 120 -14.15 -3.56 -15.23
CA VAL B 120 -14.22 -2.92 -13.93
C VAL B 120 -15.57 -2.26 -13.71
N LEU B 121 -16.04 -2.29 -12.45
CA LEU B 121 -17.34 -1.80 -12.04
C LEU B 121 -17.38 -0.27 -12.03
N GLY B 122 -16.27 0.31 -11.52
CA GLY B 122 -16.18 1.72 -11.17
C GLY B 122 -17.09 2.10 -10.02
N PRO B 123 -17.14 3.40 -9.69
CA PRO B 123 -17.89 3.85 -8.51
C PRO B 123 -19.33 4.28 -8.71
N PHE B 124 -19.93 4.14 -9.91
CA PHE B 124 -21.18 4.82 -10.15
C PHE B 124 -22.38 3.88 -10.11
N PHE B 125 -22.19 2.65 -9.62
CA PHE B 125 -23.32 1.74 -9.50
C PHE B 125 -24.16 2.20 -8.32
N THR B 126 -25.49 2.16 -8.43
CA THR B 126 -26.40 2.43 -7.32
C THR B 126 -27.43 1.30 -7.27
N ASP B 127 -27.88 0.97 -6.06
CA ASP B 127 -28.80 -0.15 -5.92
C ASP B 127 -30.23 0.38 -5.99
N ASP B 128 -30.40 1.63 -6.43
CA ASP B 128 -31.70 2.28 -6.45
C ASP B 128 -32.20 2.50 -7.88
N ALA B 129 -31.59 1.88 -8.89
CA ALA B 129 -31.99 2.20 -10.24
C ALA B 129 -33.44 1.81 -10.44
N PRO B 130 -34.25 2.56 -11.21
CA PRO B 130 -35.65 2.19 -11.42
C PRO B 130 -35.77 0.96 -12.30
N ASP B 131 -36.89 0.25 -12.12
CA ASP B 131 -37.26 -0.83 -13.00
C ASP B 131 -37.59 -0.24 -14.37
N VAL B 132 -37.03 -0.83 -15.41
CA VAL B 132 -37.30 -0.41 -16.76
C VAL B 132 -37.74 -1.66 -17.52
N ALA B 133 -38.93 -1.56 -18.14
CA ALA B 133 -39.46 -2.65 -18.95
C ALA B 133 -38.71 -2.70 -20.29
N ASN B 134 -38.70 -3.90 -20.90
CA ASN B 134 -37.98 -4.11 -22.14
C ASN B 134 -38.58 -3.15 -23.15
N GLY B 135 -37.71 -2.42 -23.86
CA GLY B 135 -38.19 -1.48 -24.83
C GLY B 135 -38.29 -0.05 -24.33
N GLU B 136 -38.31 0.16 -23.00
CA GLU B 136 -38.40 1.47 -22.38
CA GLU B 136 -38.42 1.49 -22.43
C GLU B 136 -37.00 2.08 -22.31
N SER B 137 -36.89 3.32 -21.78
CA SER B 137 -35.63 4.05 -21.81
C SER B 137 -35.03 4.14 -20.41
N ILE B 138 -33.71 4.10 -20.30
CA ILE B 138 -33.01 4.41 -19.06
C ILE B 138 -32.68 5.91 -19.02
N ALA B 139 -32.90 6.62 -20.14
CA ALA B 139 -32.51 8.03 -20.22
C ALA B 139 -33.71 8.87 -20.63
N SER B 140 -33.92 9.98 -19.93
CA SER B 140 -34.93 10.95 -20.35
C SER B 140 -34.54 11.56 -21.70
N GLU B 141 -35.52 12.15 -22.37
CA GLU B 141 -35.28 12.91 -23.60
C GLU B 141 -34.39 14.08 -23.25
N GLY B 142 -33.46 14.40 -24.16
CA GLY B 142 -32.53 15.51 -23.98
C GLY B 142 -31.26 15.14 -23.24
N LYS B 143 -31.01 13.87 -22.94
CA LYS B 143 -29.79 13.50 -22.26
C LYS B 143 -28.66 13.10 -23.21
N GLY B 144 -28.93 13.07 -24.53
CA GLY B 144 -27.88 12.80 -25.50
C GLY B 144 -28.39 12.08 -26.75
N ASP B 145 -27.44 11.59 -27.56
CA ASP B 145 -27.75 10.99 -28.84
C ASP B 145 -28.42 9.64 -28.60
N TYR B 146 -29.47 9.33 -29.36
CA TYR B 146 -30.22 8.10 -29.15
C TYR B 146 -29.36 6.86 -29.36
N MET B 147 -29.54 5.88 -28.48
CA MET B 147 -28.93 4.57 -28.61
C MET B 147 -29.96 3.53 -28.19
N TYR B 148 -29.94 2.38 -28.86
CA TYR B 148 -30.77 1.24 -28.53
C TYR B 148 -29.87 0.07 -28.23
N VAL B 149 -30.19 -0.65 -27.15
CA VAL B 149 -29.39 -1.77 -26.72
C VAL B 149 -30.30 -3.00 -26.71
N GLU B 150 -29.84 -4.09 -27.31
CA GLU B 150 -30.65 -5.29 -27.33
C GLU B 150 -29.75 -6.51 -27.45
N GLY B 151 -30.31 -7.62 -27.02
CA GLY B 151 -29.70 -8.92 -27.19
C GLY B 151 -30.41 -9.99 -26.36
N GLN B 152 -29.63 -11.04 -26.11
CA GLN B 152 -30.11 -12.21 -25.41
C GLN B 152 -29.08 -12.58 -24.33
N VAL B 153 -29.60 -12.97 -23.17
CA VAL B 153 -28.82 -13.54 -22.11
C VAL B 153 -28.87 -15.07 -22.30
N LEU B 154 -27.68 -15.67 -22.31
CA LEU B 154 -27.57 -17.11 -22.57
C LEU B 154 -26.56 -17.72 -21.61
N SER B 155 -26.73 -19.02 -21.42
CA SER B 155 -25.68 -19.86 -20.86
C SER B 155 -24.62 -20.19 -21.91
N THR B 156 -23.45 -20.63 -21.47
CA THR B 156 -22.39 -21.02 -22.38
C THR B 156 -22.82 -22.19 -23.27
N ASP B 157 -23.85 -22.97 -22.90
CA ASP B 157 -24.32 -24.07 -23.76
C ASP B 157 -25.34 -23.54 -24.76
N GLY B 158 -25.70 -22.27 -24.67
CA GLY B 158 -26.67 -21.66 -25.58
C GLY B 158 -28.10 -21.57 -25.05
N THR B 159 -28.38 -22.13 -23.87
CA THR B 159 -29.71 -22.06 -23.29
C THR B 159 -30.03 -20.62 -22.90
N PRO B 160 -31.15 -20.04 -23.33
CA PRO B 160 -31.54 -18.72 -22.86
C PRO B 160 -31.74 -18.68 -21.35
N VAL B 161 -31.37 -17.53 -20.76
CA VAL B 161 -31.49 -17.30 -19.34
C VAL B 161 -32.63 -16.30 -19.10
N PRO B 162 -33.83 -16.77 -18.70
CA PRO B 162 -34.94 -15.88 -18.39
C PRO B 162 -34.78 -15.31 -16.99
N ASP B 163 -35.37 -14.12 -16.77
CA ASP B 163 -35.46 -13.47 -15.47
C ASP B 163 -34.13 -12.99 -14.92
N ALA B 164 -33.09 -12.93 -15.75
CA ALA B 164 -31.85 -12.37 -15.25
C ALA B 164 -32.08 -10.89 -14.94
N VAL B 165 -31.41 -10.40 -13.90
CA VAL B 165 -31.46 -8.99 -13.57
C VAL B 165 -30.29 -8.31 -14.29
N ILE B 166 -30.60 -7.29 -15.10
CA ILE B 166 -29.63 -6.50 -15.83
C ILE B 166 -29.67 -5.09 -15.30
N GLU B 167 -28.61 -4.75 -14.59
CA GLU B 167 -28.37 -3.39 -14.13
C GLU B 167 -27.55 -2.71 -15.21
N THR B 168 -27.94 -1.51 -15.63
CA THR B 168 -27.17 -0.77 -16.61
C THR B 168 -27.11 0.69 -16.18
N TRP B 169 -25.98 1.35 -16.47
CA TRP B 169 -25.82 2.75 -16.16
C TRP B 169 -24.75 3.34 -17.05
N GLU B 170 -24.75 4.67 -17.16
CA GLU B 170 -23.90 5.38 -18.08
C GLU B 170 -23.97 6.86 -17.77
N THR B 171 -23.07 7.60 -18.38
CA THR B 171 -23.12 9.06 -18.32
C THR B 171 -24.24 9.59 -19.22
N ASP B 172 -24.58 10.86 -19.02
CA ASP B 172 -25.27 11.61 -20.06
C ASP B 172 -24.26 12.17 -21.05
N ALA B 173 -24.73 12.95 -22.02
CA ALA B 173 -23.87 13.49 -23.07
C ALA B 173 -22.86 14.50 -22.51
N LYS B 174 -23.03 15.00 -21.28
CA LYS B 174 -22.04 15.88 -20.69
C LYS B 174 -20.96 15.10 -19.94
N GLY B 175 -21.07 13.77 -19.89
CA GLY B 175 -20.09 12.93 -19.22
C GLY B 175 -20.29 12.82 -17.71
N PHE B 176 -21.51 13.11 -17.24
CA PHE B 176 -21.80 12.97 -15.83
C PHE B 176 -22.73 11.82 -15.56
N TYR B 177 -22.47 11.11 -14.45
CA TYR B 177 -23.45 10.17 -13.89
C TYR B 177 -24.44 10.94 -13.03
N ASP B 178 -25.59 10.33 -12.73
CA ASP B 178 -26.68 11.11 -12.16
C ASP B 178 -26.35 11.64 -10.77
N ASN B 179 -25.48 10.94 -10.02
CA ASN B 179 -25.11 11.34 -8.67
C ASN B 179 -23.97 12.35 -8.67
N GLN B 180 -23.60 12.90 -9.84
CA GLN B 180 -22.60 13.94 -9.91
C GLN B 180 -23.29 15.29 -10.03
N TYR B 181 -24.63 15.30 -9.91
CA TYR B 181 -25.41 16.53 -9.98
C TYR B 181 -25.93 16.88 -8.59
N LYS B 182 -26.11 18.19 -8.34
CA LYS B 182 -26.70 18.71 -7.12
C LYS B 182 -28.13 18.19 -6.95
N ASN B 183 -28.98 18.48 -7.93
CA ASN B 183 -30.34 17.97 -7.97
C ASN B 183 -30.32 16.49 -8.35
N ARG B 184 -30.40 15.61 -7.34
CA ARG B 184 -30.66 14.20 -7.60
C ARG B 184 -32.05 13.85 -7.07
N ASP B 185 -33.08 14.55 -7.57
CA ASP B 185 -34.45 14.21 -7.20
C ASP B 185 -34.84 12.82 -7.71
N HIS B 186 -34.28 12.39 -8.84
CA HIS B 186 -34.64 11.11 -9.42
C HIS B 186 -33.47 10.54 -10.22
N PRO B 187 -33.38 9.21 -10.38
CA PRO B 187 -32.27 8.60 -11.10
C PRO B 187 -32.29 9.05 -12.56
N GLU B 188 -31.14 8.98 -13.24
CA GLU B 188 -31.08 9.28 -14.67
C GLU B 188 -29.98 8.43 -15.32
N CYS B 189 -30.21 8.01 -16.57
CA CYS B 189 -29.25 7.21 -17.35
C CYS B 189 -28.85 5.96 -16.58
N ARG B 190 -29.85 5.34 -15.94
CA ARG B 190 -29.62 4.03 -15.35
C ARG B 190 -30.94 3.30 -15.22
N GLY B 191 -30.84 1.97 -15.18
CA GLY B 191 -32.05 1.18 -15.07
C GLY B 191 -31.74 -0.24 -14.66
N ARG B 192 -32.83 -0.91 -14.31
CA ARG B 192 -32.79 -2.30 -13.93
C ARG B 192 -33.84 -3.03 -14.76
N LEU B 193 -33.37 -3.93 -15.62
CA LEU B 193 -34.23 -4.73 -16.47
C LEU B 193 -34.22 -6.20 -16.06
N ARG B 194 -35.16 -6.93 -16.62
CA ARG B 194 -35.23 -8.37 -16.51
C ARG B 194 -35.29 -9.00 -17.89
N SER B 195 -34.45 -10.01 -18.14
CA SER B 195 -34.54 -10.74 -19.38
C SER B 195 -35.90 -11.45 -19.45
N ASP B 196 -36.49 -11.52 -20.65
CA ASP B 196 -37.81 -12.11 -20.80
C ASP B 196 -37.71 -13.64 -20.86
N LYS B 197 -38.79 -14.28 -21.27
CA LYS B 197 -38.88 -15.72 -21.15
C LYS B 197 -37.98 -16.42 -22.16
N ASP B 198 -37.55 -15.71 -23.20
CA ASP B 198 -36.57 -16.20 -24.16
C ASP B 198 -35.20 -15.57 -23.90
N GLY B 199 -35.01 -14.99 -22.72
CA GLY B 199 -33.72 -14.43 -22.35
C GLY B 199 -33.42 -13.11 -23.05
N LYS B 200 -34.42 -12.51 -23.68
CA LYS B 200 -34.20 -11.30 -24.45
C LYS B 200 -34.35 -10.06 -23.58
N PHE B 201 -33.59 -9.04 -23.95
CA PHE B 201 -33.71 -7.74 -23.31
C PHE B 201 -33.53 -6.68 -24.41
N ALA B 202 -34.03 -5.47 -24.12
CA ALA B 202 -33.91 -4.33 -25.02
C ALA B 202 -34.22 -3.06 -24.25
N TYR B 203 -33.50 -1.99 -24.56
CA TYR B 203 -33.84 -0.73 -23.96
C TYR B 203 -33.25 0.42 -24.75
N ARG B 204 -33.86 1.59 -24.56
CA ARG B 204 -33.39 2.85 -25.11
C ARG B 204 -32.41 3.46 -24.10
N ALA B 205 -31.44 4.20 -24.62
CA ALA B 205 -30.42 4.83 -23.82
C ALA B 205 -29.88 5.99 -24.65
N VAL B 206 -28.71 6.48 -24.24
CA VAL B 206 -27.97 7.48 -25.02
C VAL B 206 -26.55 6.97 -25.25
N VAL B 207 -25.90 7.53 -26.25
CA VAL B 207 -24.53 7.23 -26.53
C VAL B 207 -23.70 7.84 -25.40
N PRO B 208 -22.96 7.02 -24.61
CA PRO B 208 -22.16 7.53 -23.50
C PRO B 208 -20.92 8.22 -24.05
N VAL B 209 -20.26 9.00 -23.20
CA VAL B 209 -19.08 9.75 -23.63
C VAL B 209 -17.92 9.56 -22.66
N ALA B 210 -16.70 9.87 -23.17
CA ALA B 210 -15.49 9.82 -22.36
C ALA B 210 -15.56 10.79 -21.17
N TYR B 211 -14.88 10.41 -20.07
CA TYR B 211 -14.88 11.27 -18.89
C TYR B 211 -13.67 11.00 -18.02
N PRO B 212 -13.31 11.96 -17.14
CA PRO B 212 -12.18 11.82 -16.24
C PRO B 212 -12.54 11.11 -14.95
N ILE B 213 -11.58 10.32 -14.47
CA ILE B 213 -11.57 9.82 -13.12
C ILE B 213 -10.92 10.87 -12.21
N PRO B 214 -11.12 10.78 -10.86
CA PRO B 214 -10.70 11.86 -9.96
C PRO B 214 -9.20 12.15 -10.05
N GLY B 215 -8.85 13.37 -10.43
CA GLY B 215 -7.47 13.78 -10.56
C GLY B 215 -7.00 14.74 -9.46
N ASP B 216 -7.81 14.94 -8.43
CA ASP B 216 -7.57 15.99 -7.44
C ASP B 216 -6.92 15.40 -6.19
N GLY B 217 -6.74 14.08 -6.14
CA GLY B 217 -6.14 13.45 -4.98
C GLY B 217 -4.76 12.92 -5.28
N PRO B 218 -4.19 12.09 -4.39
CA PRO B 218 -2.89 11.46 -4.65
C PRO B 218 -2.76 10.69 -5.96
N VAL B 219 -3.78 9.95 -6.38
CA VAL B 219 -3.66 9.22 -7.63
C VAL B 219 -3.50 10.20 -8.79
N GLY B 220 -4.22 11.32 -8.74
CA GLY B 220 -4.07 12.34 -9.76
C GLY B 220 -2.64 12.87 -9.84
N GLU B 221 -2.00 13.07 -8.67
CA GLU B 221 -0.64 13.57 -8.64
C GLU B 221 0.28 12.54 -9.28
N MET B 222 0.03 11.27 -8.98
CA MET B 222 0.87 10.18 -9.50
C MET B 222 0.76 10.12 -11.02
N LEU B 223 -0.47 10.20 -11.55
CA LEU B 223 -0.64 10.12 -12.99
C LEU B 223 0.15 11.24 -13.67
N LEU B 224 0.12 12.47 -13.15
CA LEU B 224 0.87 13.56 -13.76
C LEU B 224 2.38 13.30 -13.75
N GLN B 225 2.94 12.72 -12.66
CA GLN B 225 4.36 12.38 -12.64
C GLN B 225 4.68 11.26 -13.63
N LEU B 226 3.72 10.37 -13.90
CA LEU B 226 3.89 9.34 -14.89
C LEU B 226 3.55 9.82 -16.32
N ASN B 227 3.17 11.10 -16.51
CA ASN B 227 2.73 11.66 -17.80
C ASN B 227 1.64 10.79 -18.40
N ARG B 228 0.64 10.47 -17.58
CA ARG B 228 -0.54 9.75 -18.01
C ARG B 228 -1.78 10.61 -17.81
N HIS B 229 -2.76 10.38 -18.68
CA HIS B 229 -4.06 11.02 -18.52
C HIS B 229 -4.91 10.26 -17.50
N ASN B 230 -5.98 10.96 -17.08
CA ASN B 230 -6.96 10.43 -16.16
C ASN B 230 -8.29 10.20 -16.87
N MET B 231 -8.29 9.71 -18.10
CA MET B 231 -9.55 9.62 -18.85
C MET B 231 -9.96 8.17 -19.05
N ARG B 232 -11.28 7.96 -19.07
CA ARG B 232 -11.86 6.71 -19.54
C ARG B 232 -12.53 6.94 -20.91
N PRO B 233 -12.44 6.00 -21.88
CA PRO B 233 -13.24 6.08 -23.10
C PRO B 233 -14.69 5.79 -22.76
N ASN B 234 -15.56 6.20 -23.69
CA ASN B 234 -16.99 5.98 -23.62
C ASN B 234 -17.31 4.53 -23.28
N HIS B 235 -18.30 4.32 -22.41
CA HIS B 235 -18.76 2.96 -22.17
C HIS B 235 -20.16 2.92 -21.56
N LEU B 236 -20.81 1.78 -21.77
CA LEU B 236 -22.09 1.43 -21.16
C LEU B 236 -21.84 0.32 -20.14
N HIS B 237 -22.23 0.54 -18.88
CA HIS B 237 -22.06 -0.46 -17.83
C HIS B 237 -23.24 -1.43 -17.85
N LEU B 238 -22.92 -2.71 -17.61
CA LEU B 238 -23.92 -3.75 -17.33
C LEU B 238 -23.47 -4.66 -16.22
N MET B 239 -24.40 -5.03 -15.34
CA MET B 239 -24.17 -6.04 -14.34
C MET B 239 -25.36 -7.00 -14.42
N ILE B 240 -25.05 -8.26 -14.65
CA ILE B 240 -26.07 -9.26 -14.90
C ILE B 240 -25.94 -10.35 -13.86
N SER B 241 -27.04 -10.61 -13.18
CA SER B 241 -27.06 -11.65 -12.15
C SER B 241 -28.23 -12.60 -12.41
N ALA B 242 -28.02 -13.87 -12.12
CA ALA B 242 -29.05 -14.87 -12.32
C ALA B 242 -28.67 -16.10 -11.52
N PRO B 243 -29.56 -16.63 -10.67
CA PRO B 243 -29.21 -17.75 -9.81
C PRO B 243 -28.69 -18.90 -10.68
N GLY B 244 -27.54 -19.46 -10.30
CA GLY B 244 -26.96 -20.60 -11.01
C GLY B 244 -25.75 -20.18 -11.85
N TYR B 245 -25.52 -18.87 -12.01
CA TYR B 245 -24.48 -18.34 -12.86
C TYR B 245 -23.58 -17.37 -12.11
N ASN B 246 -22.35 -17.20 -12.61
CA ASN B 246 -21.41 -16.22 -12.13
C ASN B 246 -21.94 -14.84 -12.52
N THR B 247 -22.14 -13.97 -11.53
CA THR B 247 -22.51 -12.59 -11.83
C THR B 247 -21.47 -11.98 -12.77
N LEU B 248 -21.98 -11.28 -13.78
CA LEU B 248 -21.15 -10.60 -14.74
C LEU B 248 -21.23 -9.10 -14.56
N VAL B 249 -20.09 -8.51 -14.25
CA VAL B 249 -19.92 -7.08 -14.25
C VAL B 249 -19.08 -6.76 -15.47
N THR B 250 -19.66 -5.99 -16.41
CA THR B 250 -18.98 -5.70 -17.65
C THR B 250 -19.35 -4.31 -18.16
N ALA B 251 -18.81 -4.01 -19.34
CA ALA B 251 -19.07 -2.76 -20.02
C ALA B 251 -18.74 -2.94 -21.48
N PHE B 252 -19.51 -2.22 -22.34
CA PHE B 252 -19.21 -2.17 -23.76
C PHE B 252 -18.71 -0.79 -24.13
N TYR B 253 -17.70 -0.75 -25.00
CA TYR B 253 -16.95 0.44 -25.31
C TYR B 253 -17.10 0.77 -26.78
N PRO B 254 -17.94 1.76 -27.15
CA PRO B 254 -18.10 2.12 -28.56
C PRO B 254 -16.83 2.52 -29.26
N GLU B 255 -16.70 1.97 -30.47
CA GLU B 255 -15.61 2.36 -31.35
C GLU B 255 -15.66 3.85 -31.61
N GLY B 256 -14.49 4.40 -31.93
CA GLY B 256 -14.41 5.78 -32.40
C GLY B 256 -13.90 6.74 -31.34
N ASP B 257 -13.63 6.27 -30.11
CA ASP B 257 -13.26 7.13 -29.00
C ASP B 257 -11.74 7.13 -28.92
N GLU B 258 -11.11 8.32 -28.85
CA GLU B 258 -9.65 8.43 -28.91
C GLU B 258 -8.96 7.86 -27.66
N TYR B 259 -9.70 7.56 -26.59
CA TYR B 259 -9.11 7.00 -25.38
C TYR B 259 -9.25 5.46 -25.30
N LEU B 260 -9.80 4.83 -26.33
CA LEU B 260 -10.06 3.39 -26.24
C LEU B 260 -8.82 2.57 -25.92
N SER B 261 -7.69 2.95 -26.52
CA SER B 261 -6.45 2.18 -26.39
C SER B 261 -5.71 2.47 -25.08
N SER B 262 -6.18 3.44 -24.28
CA SER B 262 -5.41 3.97 -23.15
C SER B 262 -6.33 4.28 -21.98
N ASP B 263 -7.35 3.43 -21.76
CA ASP B 263 -8.24 3.55 -20.62
C ASP B 263 -7.41 3.62 -19.36
N ALA B 264 -7.64 4.64 -18.52
CA ALA B 264 -6.76 4.91 -17.41
C ALA B 264 -6.90 3.81 -16.35
N VAL B 265 -7.99 3.03 -16.40
CA VAL B 265 -8.22 1.95 -15.45
C VAL B 265 -8.26 0.57 -16.13
N PHE B 266 -7.86 0.48 -17.40
CA PHE B 266 -7.67 -0.81 -18.06
C PHE B 266 -8.95 -1.65 -18.08
N GLY B 267 -10.09 -0.98 -18.27
CA GLY B 267 -11.39 -1.67 -18.41
C GLY B 267 -11.53 -2.30 -19.79
N VAL B 268 -10.97 -1.63 -20.80
CA VAL B 268 -11.16 -2.03 -22.17
C VAL B 268 -10.53 -3.41 -22.41
N LYS B 269 -11.27 -4.23 -23.17
CA LYS B 269 -10.81 -5.50 -23.68
C LYS B 269 -11.28 -5.59 -25.13
N LYS B 270 -10.51 -6.29 -25.95
CA LYS B 270 -10.82 -6.45 -27.34
C LYS B 270 -12.27 -6.90 -27.57
N SER B 271 -12.73 -7.91 -26.83
CA SER B 271 -14.08 -8.45 -27.06
C SER B 271 -15.16 -7.46 -26.65
N LEU B 272 -14.82 -6.40 -25.91
CA LEU B 272 -15.83 -5.51 -25.34
C LEU B 272 -15.93 -4.19 -26.12
N VAL B 273 -15.06 -3.99 -27.10
CA VAL B 273 -15.16 -2.85 -28.00
C VAL B 273 -16.25 -3.16 -29.02
N VAL B 274 -17.22 -2.28 -29.18
CA VAL B 274 -18.36 -2.54 -30.06
C VAL B 274 -18.49 -1.44 -31.11
N GLY B 275 -18.83 -1.83 -32.33
CA GLY B 275 -19.06 -0.88 -33.42
C GLY B 275 -20.54 -0.58 -33.47
N LEU B 276 -20.97 0.60 -33.03
CA LEU B 276 -22.40 0.89 -33.00
C LEU B 276 -22.89 1.07 -34.43
N GLU B 277 -24.04 0.48 -34.76
CA GLU B 277 -24.63 0.63 -36.08
C GLU B 277 -25.54 1.87 -36.11
N GLU B 278 -25.32 2.69 -37.12
CA GLU B 278 -26.11 3.88 -37.38
C GLU B 278 -27.37 3.43 -38.10
N VAL B 279 -28.52 3.54 -37.47
CA VAL B 279 -29.78 3.18 -38.11
C VAL B 279 -30.46 4.47 -38.51
N LYS B 280 -30.41 4.83 -39.81
CA LYS B 280 -30.98 6.09 -40.27
C LYS B 280 -32.35 5.78 -40.86
N ASP B 281 -33.33 5.58 -39.98
CA ASP B 281 -34.63 5.11 -40.35
C ASP B 281 -35.62 5.70 -39.33
N ASP B 282 -36.27 6.80 -39.74
CA ASP B 282 -37.15 7.59 -38.87
C ASP B 282 -38.29 6.71 -38.38
N SER B 283 -38.81 5.89 -39.28
CA SER B 283 -39.92 5.00 -38.98
C SER B 283 -39.55 4.00 -37.88
N GLU B 284 -38.41 3.36 -38.03
CA GLU B 284 -37.94 2.37 -37.07
C GLU B 284 -37.66 3.07 -35.73
N ALA B 285 -37.06 4.26 -35.77
CA ALA B 285 -36.78 5.00 -34.56
C ALA B 285 -38.07 5.26 -33.78
N ARG B 286 -39.11 5.71 -34.48
CA ARG B 286 -40.39 5.97 -33.86
C ARG B 286 -41.00 4.67 -33.32
N LYS B 287 -40.90 3.59 -34.07
CA LYS B 287 -41.49 2.34 -33.65
C LYS B 287 -40.83 1.84 -32.36
N ARG B 288 -39.53 2.10 -32.17
CA ARG B 288 -38.86 1.64 -30.97
C ARG B 288 -39.11 2.54 -29.77
N GLY B 289 -39.78 3.68 -29.99
CA GLY B 289 -40.18 4.58 -28.91
C GLY B 289 -39.29 5.80 -28.77
N PHE B 290 -38.35 6.04 -29.70
CA PHE B 290 -37.59 7.29 -29.67
C PHE B 290 -38.48 8.46 -30.06
N ALA B 291 -38.72 9.38 -29.15
CA ALA B 291 -39.78 10.37 -29.30
C ALA B 291 -39.55 11.26 -30.52
N GLU B 292 -38.31 11.70 -30.75
CA GLU B 292 -38.00 12.60 -31.85
C GLU B 292 -37.77 11.83 -33.16
N GLY B 293 -37.90 10.51 -33.18
CA GLY B 293 -37.61 9.69 -34.35
C GLY B 293 -36.19 9.98 -34.89
N GLY B 294 -36.08 10.11 -36.20
CA GLY B 294 -34.81 10.44 -36.85
C GLY B 294 -33.94 9.20 -37.06
N SER B 295 -33.09 8.95 -36.09
CA SER B 295 -32.08 7.91 -36.21
C SER B 295 -31.60 7.52 -34.79
N PHE B 296 -30.97 6.36 -34.68
CA PHE B 296 -30.34 5.94 -33.44
C PHE B 296 -29.14 5.06 -33.74
N LYS B 297 -28.21 4.97 -32.78
CA LYS B 297 -27.14 3.98 -32.82
C LYS B 297 -27.62 2.71 -32.15
N LEU B 298 -27.35 1.58 -32.79
CA LEU B 298 -27.76 0.28 -32.26
C LEU B 298 -26.55 -0.51 -31.74
N LEU B 299 -26.71 -0.98 -30.50
CA LEU B 299 -25.75 -1.85 -29.80
C LEU B 299 -26.45 -3.18 -29.57
N LYS B 300 -26.13 -4.13 -30.44
CA LYS B 300 -26.73 -5.45 -30.39
C LYS B 300 -25.64 -6.43 -29.93
N ARG B 301 -25.78 -6.98 -28.72
CA ARG B 301 -24.76 -7.87 -28.16
C ARG B 301 -25.47 -8.82 -27.21
N ASP B 302 -25.15 -10.09 -27.33
CA ASP B 302 -25.60 -11.08 -26.39
C ASP B 302 -24.69 -11.08 -25.15
N LEU B 303 -25.27 -11.56 -24.05
CA LEU B 303 -24.57 -11.65 -22.77
C LEU B 303 -24.54 -13.12 -22.38
N VAL B 304 -23.33 -13.69 -22.44
CA VAL B 304 -23.13 -15.10 -22.22
C VAL B 304 -22.56 -15.29 -20.81
N LEU B 305 -23.35 -15.99 -19.98
CA LEU B 305 -23.03 -16.23 -18.57
C LEU B 305 -22.46 -17.63 -18.38
N VAL B 306 -21.54 -17.71 -17.43
CA VAL B 306 -20.88 -18.96 -17.08
C VAL B 306 -21.61 -19.60 -15.90
N PRO B 307 -22.05 -20.85 -16.02
CA PRO B 307 -22.61 -21.56 -14.87
C PRO B 307 -21.61 -21.51 -13.73
N GLU B 308 -22.13 -21.24 -12.52
CA GLU B 308 -21.29 -20.94 -11.37
C GLU B 308 -20.23 -22.01 -11.12
N ALA B 309 -20.60 -23.30 -11.19
CA ALA B 309 -19.63 -24.36 -10.95
C ALA B 309 -18.51 -24.33 -11.99
N ASP B 310 -18.82 -24.00 -13.23
CA ASP B 310 -17.82 -23.95 -14.29
C ASP B 310 -16.84 -22.82 -14.04
N SER B 311 -17.32 -21.66 -13.60
CA SER B 311 -16.47 -20.50 -13.35
C SER B 311 -15.43 -20.84 -12.27
N ARG B 312 -15.93 -21.43 -11.18
CA ARG B 312 -15.09 -21.80 -10.04
C ARG B 312 -14.05 -22.82 -10.48
N LYS B 313 -14.47 -23.83 -11.25
CA LYS B 313 -13.52 -24.85 -11.71
C LYS B 313 -12.44 -24.25 -12.58
N ALA B 314 -12.81 -23.39 -13.53
CA ALA B 314 -11.83 -22.79 -14.42
C ALA B 314 -10.78 -22.02 -13.60
N ARG B 315 -11.24 -21.22 -12.64
CA ARG B 315 -10.34 -20.42 -11.83
C ARG B 315 -9.34 -21.26 -11.05
N GLU B 316 -9.79 -22.36 -10.43
CA GLU B 316 -8.88 -23.13 -9.60
C GLU B 316 -7.99 -23.98 -10.50
N ALA B 317 -8.46 -24.41 -11.67
CA ALA B 317 -7.61 -25.14 -12.61
C ALA B 317 -6.48 -24.25 -13.12
N PHE B 318 -6.77 -22.98 -13.42
CA PHE B 318 -5.75 -22.04 -13.90
C PHE B 318 -4.73 -21.69 -12.81
N ALA B 319 -5.16 -21.72 -11.55
CA ALA B 319 -4.28 -21.42 -10.43
C ALA B 319 -3.28 -22.57 -10.20
N GLN B 320 -3.54 -23.76 -10.73
CA GLN B 320 -2.58 -24.87 -10.81
C GLN B 320 -1.30 -24.49 -11.59
N GLU B 321 -1.44 -23.92 -12.80
CA GLU B 321 -0.29 -23.41 -13.55
C GLU B 321 0.61 -22.62 -12.60
N ARG B 322 0.03 -21.56 -12.05
CA ARG B 322 0.74 -20.65 -11.17
C ARG B 322 0.80 -21.28 -9.77
S SO4 C . 30.06 -6.08 23.65
O1 SO4 C . 31.46 -6.43 23.75
O2 SO4 C . 29.56 -6.50 22.36
O3 SO4 C . 29.89 -4.66 23.78
O4 SO4 C . 29.32 -6.78 24.65
S SO4 D . 11.33 15.82 -12.33
O1 SO4 D . 12.75 15.72 -12.57
O2 SO4 D . 10.60 15.81 -13.60
O3 SO4 D . 11.07 17.04 -11.62
O4 SO4 D . 10.89 14.70 -11.52
S SO4 E . 24.38 14.80 38.59
O1 SO4 E . 25.02 15.13 37.35
O2 SO4 E . 23.28 13.93 38.34
O3 SO4 E . 23.88 16.02 39.21
O4 SO4 E . 25.34 14.14 39.46
C1 PTY F . -4.76 -8.45 5.79
C2 PTY F . -8.17 -11.79 6.80
C3 PTY F . -8.60 -10.35 6.82
O4 PTY F . -3.37 -8.07 5.64
C5 PTY F . -5.10 -8.88 8.21
C6 PTY F . -4.91 -9.52 6.85
O7 PTY F . -3.78 -10.47 6.84
C8 PTY F . -4.00 -11.82 6.75
O10 PTY F . -5.09 -12.32 6.78
C11 PTY F . -2.75 -12.67 6.61
C12 PTY F . -2.02 -12.48 5.32
C13 PTY F . -0.95 -11.42 5.43
C14 PTY F . -0.26 -11.10 4.15
C15 PTY F . -1.20 -11.11 2.99
C16 PTY F . -0.76 -10.32 1.80
C17 PTY F . -1.82 -10.32 0.71
C18 PTY F . -2.23 -8.96 0.28
C19 PTY F . -1.53 -8.48 -0.97
C20 PTY F . -1.31 -6.99 -1.05
C21 PTY F . -1.35 -6.44 -2.42
C22 PTY F . -0.61 -5.13 -2.58
C23 PTY F . 0.91 -5.24 -2.73
C24 PTY F . 1.37 -6.55 -3.38
C25 PTY F . 2.73 -6.57 -4.10
C26 PTY F . 3.78 -5.59 -3.68
C27 PTY F . 5.15 -6.10 -4.01
C28 PTY F . 5.90 -5.19 -4.89
C29 PTY F . 6.16 -3.89 -4.22
C30 PTY F . -3.12 -7.30 4.59
C31 PTY F . -1.66 -7.05 4.32
O30 PTY F . -3.98 -6.83 3.91
C32 PTY F . -1.45 -6.12 3.17
C33 PTY F . -0.01 -5.72 2.98
C34 PTY F . 0.17 -4.53 2.08
C35 PTY F . 1.37 -4.57 1.14
C36 PTY F . 2.61 -3.85 1.62
C37 PTY F . 2.34 -2.56 2.33
C38 PTY F . 3.42 -1.51 2.24
C39 PTY F . 4.60 -1.78 3.12
C40 PTY F . 5.41 -0.57 3.44
C41 PTY F . 5.45 0.48 2.37
C42 PTY F . 6.81 1.05 2.14
C43 PTY F . 7.07 1.56 0.75
C44 PTY F . 8.09 0.71 -0.02
P1 PTY F . -7.50 -9.54 9.13
O11 PTY F . -8.77 -9.80 8.17
O12 PTY F . -6.82 -10.88 9.25
O13 PTY F . -7.93 -8.83 10.40
O14 PTY F . -6.52 -8.54 8.34
N1 PTY F . -9.13 -12.61 6.11
S SO4 G . -0.75 7.35 33.81
O1 SO4 G . -0.83 6.87 32.46
O2 SO4 G . 0.03 8.56 33.84
O3 SO4 G . -0.12 6.36 34.67
O4 SO4 G . -2.09 7.63 34.28
S SO4 H . 3.02 11.85 -26.27
O1 SO4 H . 2.21 10.62 -26.52
O2 SO4 H . 2.90 12.76 -27.41
O3 SO4 H . 4.47 11.62 -26.03
O4 SO4 H . 2.47 12.52 -25.11
FE FE I . 12.29 2.14 21.47
C1 PTY J . 6.46 11.67 -6.82
C2 PTY J . 9.21 8.53 -4.50
C3 PTY J . 9.54 9.62 -5.50
O4 PTY J . 5.87 10.94 -7.92
C5 PTY J . 7.16 14.02 -6.28
C6 PTY J . 6.03 13.11 -6.69
O7 PTY J . 5.01 13.11 -5.64
C8 PTY J . 3.84 13.73 -5.81
O10 PTY J . 3.60 14.68 -6.51
C11 PTY J . 2.84 12.83 -5.15
C12 PTY J . 3.40 11.44 -4.90
C13 PTY J . 3.37 10.53 -6.13
C14 PTY J . 4.26 9.31 -6.02
C15 PTY J . 3.87 8.29 -5.00
C16 PTY J . 4.28 6.88 -5.31
C17 PTY J . 3.60 5.85 -4.45
C18 PTY J . 3.17 4.56 -5.15
C19 PTY J . 3.03 3.38 -4.19
C20 PTY J . 2.06 2.30 -4.62
C21 PTY J . 2.15 0.99 -3.84
C22 PTY J . 1.33 -0.18 -4.39
C23 PTY J . -0.15 -0.22 -4.00
C24 PTY J . -1.04 -1.06 -4.94
C25 PTY J . -2.52 -0.76 -4.88
C26 PTY J . -3.27 -1.59 -3.89
C27 PTY J . -3.37 -3.02 -4.28
C28 PTY J . -4.01 -3.94 -3.32
C29 PTY J . -3.88 -5.34 -3.84
C30 PTY J . 6.43 9.74 -8.18
C31 PTY J . 5.94 9.09 -9.44
O30 PTY J . 7.24 9.20 -7.46
C32 PTY J . 6.61 7.78 -9.74
C33 PTY J . 5.84 6.60 -9.19
C34 PTY J . 6.73 5.46 -8.79
C35 PTY J . 6.04 4.39 -7.97
C36 PTY J . 7.01 3.58 -7.11
C37 PTY J . 7.67 4.36 -6.00
C38 PTY J . 8.01 3.57 -4.77
C39 PTY J . 6.85 2.87 -4.12
C40 PTY J . 7.21 1.64 -3.29
C41 PTY J . 6.04 1.07 -2.51
C42 PTY J . 6.18 -0.37 -2.02
C43 PTY J . 5.11 -1.38 -2.47
C44 PTY J . 3.74 -1.39 -1.76
P1 PTY J . 9.13 12.33 -5.58
O11 PTY J . 8.65 10.80 -5.36
O12 PTY J . 10.20 12.54 -4.54
O13 PTY J . 9.46 12.63 -7.01
O14 PTY J . 7.90 13.32 -5.23
N1 PTY J . 8.31 7.44 -4.94
S SO4 K . -19.08 -5.63 -32.97
O1 SO4 K . -18.63 -4.29 -33.29
O2 SO4 K . -19.26 -6.37 -34.19
O3 SO4 K . -20.32 -5.59 -32.23
O4 SO4 K . -18.07 -6.26 -32.15
S SO4 L . -32.08 13.61 -29.58
O1 SO4 L . -33.04 14.18 -30.53
O2 SO4 L . -31.43 12.47 -30.18
O3 SO4 L . -31.07 14.58 -29.24
O4 SO4 L . -32.77 13.24 -28.38
S SO4 M . -25.17 20.88 -10.99
O1 SO4 M . -24.32 20.82 -12.16
O2 SO4 M . -26.54 20.65 -11.38
O3 SO4 M . -25.07 22.19 -10.37
O4 SO4 M . -24.76 19.89 -10.02
S SO4 N . -7.89 -19.14 9.66
O1 SO4 N . -7.80 -17.95 8.83
O2 SO4 N . -8.29 -20.27 8.87
O3 SO4 N . -8.84 -18.95 10.72
O4 SO4 N . -6.58 -19.39 10.24
FE FE O . -18.22 4.43 -16.00
#